data_4ND3
#
_entry.id   4ND3
#
_cell.length_a   95.454
_cell.length_b   95.454
_cell.length_c   186.025
_cell.angle_alpha   90.00
_cell.angle_beta   90.00
_cell.angle_gamma   120.00
#
_symmetry.space_group_name_H-M   'P 32 2 1'
#
loop_
_entity.id
_entity.type
_entity.pdbx_description
1 polymer 'Lactate dehydrogenase, adjacent gene encodes predicted malate dehydrogenase'
2 non-polymer NICOTINAMIDE-ADENINE-DINUCLEOTIDE
3 non-polymer '(2S)-2-HYDROXYPROPANOIC ACID'
4 non-polymer GLYCEROL
5 water water
#
_entity_poly.entity_id   1
_entity_poly.type   'polypeptide(L)'
_entity_poly.pdbx_seq_one_letter_code
;MIERRKIAVIGSGQIGGNIAYIVGKDNLADVVLFDIAEGIPQGKALDITHSMVMFGSTSKVIGTNDYADISGSDVVIITA
SIPGRPKDDRSELLFGNARILDSVAEGVKKYCPNAFVICITNPLDVMVSHFQKVSGLPHNKVCGMAGVLDSSRFRTFIAQ
HFGVNASDVSANVIGGHGDGMVPATSSVSVGGVPLSSFIKQGLITQEQIDEIVCHTRIAWKEVADNLKTGTAYFAPAAAA
VKMAEAYLKDKKAVVPCSAFCSNHYGVKGIYMGVPTIIGKNGVEDILELDLTPLEQKLLGESINEVNTISKVLDNAPAAG
A
;
_entity_poly.pdbx_strand_id   A,B
#
loop_
_chem_comp.id
_chem_comp.type
_chem_comp.name
_chem_comp.formula
2OP non-polymer '(2S)-2-HYDROXYPROPANOIC ACID' 'C3 H6 O3'
GOL non-polymer GLYCEROL 'C3 H8 O3'
NAD non-polymer NICOTINAMIDE-ADENINE-DINUCLEOTIDE 'C21 H27 N7 O14 P2'
#
# COMPACT_ATOMS: atom_id res chain seq x y z
N MET A 1 22.65 -6.12 23.22
CA MET A 1 21.34 -5.56 23.61
C MET A 1 20.46 -5.44 22.36
N ILE A 2 19.26 -6.02 22.43
CA ILE A 2 18.31 -6.00 21.31
C ILE A 2 17.95 -4.57 20.92
N GLU A 3 18.17 -4.23 19.65
CA GLU A 3 17.71 -2.96 19.09
C GLU A 3 16.78 -3.24 17.92
N ARG A 4 15.78 -2.38 17.74
CA ARG A 4 14.85 -2.51 16.62
C ARG A 4 15.59 -2.32 15.29
N ARG A 5 15.15 -3.04 14.27
CA ARG A 5 15.70 -2.87 12.93
C ARG A 5 15.21 -1.53 12.39
N LYS A 6 16.02 -0.89 11.57
CA LYS A 6 15.72 0.44 11.07
C LYS A 6 15.95 0.56 9.57
N ILE A 7 14.90 0.94 8.84
CA ILE A 7 15.01 1.18 7.40
C ILE A 7 14.77 2.64 7.11
N ALA A 8 15.71 3.26 6.40
CA ALA A 8 15.58 4.63 5.95
C ALA A 8 15.14 4.64 4.50
N VAL A 9 14.02 5.32 4.22
CA VAL A 9 13.54 5.48 2.87
C VAL A 9 13.80 6.92 2.41
N ILE A 10 14.71 7.07 1.46
CA ILE A 10 15.10 8.39 0.96
C ILE A 10 14.28 8.72 -0.27
N GLY A 11 13.29 9.58 -0.08
CA GLY A 11 12.31 9.88 -1.10
C GLY A 11 10.99 9.25 -0.69
N SER A 12 10.02 10.09 -0.37
CA SER A 12 8.74 9.65 0.16
C SER A 12 7.62 9.92 -0.83
N GLY A 13 7.91 9.71 -2.10
CA GLY A 13 6.90 9.79 -3.15
C GLY A 13 6.09 8.51 -3.23
N GLN A 14 5.69 8.16 -4.44
CA GLN A 14 4.78 7.04 -4.67
C GLN A 14 5.32 5.72 -4.13
N ILE A 15 6.56 5.40 -4.49
CA ILE A 15 7.17 4.14 -4.07
C ILE A 15 7.57 4.18 -2.59
N GLY A 16 8.22 5.26 -2.18
CA GLY A 16 8.66 5.43 -0.80
C GLY A 16 7.58 5.22 0.24
N GLY A 17 6.40 5.78 -0.02
CA GLY A 17 5.28 5.70 0.91
C GLY A 17 4.76 4.27 1.04
N ASN A 18 4.65 3.57 -0.09
CA ASN A 18 4.23 2.16 -0.04
C ASN A 18 5.27 1.27 0.63
N ILE A 19 6.55 1.57 0.46
CA ILE A 19 7.58 0.80 1.18
C ILE A 19 7.33 0.90 2.69
N ALA A 20 7.21 2.12 3.19
CA ALA A 20 6.93 2.36 4.61
C ALA A 20 5.68 1.60 5.07
N TYR A 21 4.63 1.68 4.26
CA TYR A 21 3.35 1.02 4.52
C TYR A 21 3.54 -0.49 4.71
N ILE A 22 4.25 -1.11 3.78
CA ILE A 22 4.44 -2.56 3.78
C ILE A 22 5.40 -3.01 4.87
N VAL A 23 6.52 -2.30 5.01
CA VAL A 23 7.47 -2.57 6.09
C VAL A 23 6.77 -2.49 7.44
N GLY A 24 5.99 -1.44 7.63
CA GLY A 24 5.22 -1.28 8.86
C GLY A 24 4.21 -2.39 9.06
N LYS A 25 3.47 -2.71 8.01
CA LYS A 25 2.50 -3.80 8.07
C LYS A 25 3.15 -5.11 8.52
N ASP A 26 4.28 -5.45 7.91
CA ASP A 26 4.99 -6.70 8.22
C ASP A 26 5.77 -6.65 9.55
N ASN A 27 5.84 -5.48 10.18
CA ASN A 27 6.68 -5.27 11.36
C ASN A 27 8.11 -5.75 11.12
N LEU A 28 8.63 -5.45 9.93
CA LEU A 28 9.99 -5.82 9.53
C LEU A 28 11.03 -4.93 10.20
N ALA A 29 10.67 -3.66 10.41
CA ALA A 29 11.59 -2.67 10.97
C ALA A 29 10.84 -1.39 11.32
N ASP A 30 11.53 -0.48 12.01
CA ASP A 30 11.09 0.90 12.08
C ASP A 30 11.47 1.57 10.78
N VAL A 31 10.71 2.59 10.40
CA VAL A 31 10.92 3.28 9.13
C VAL A 31 11.13 4.77 9.35
N VAL A 32 12.13 5.33 8.65
CA VAL A 32 12.31 6.77 8.57
C VAL A 32 12.06 7.20 7.13
N LEU A 33 10.95 7.92 6.91
CA LEU A 33 10.65 8.49 5.60
C LEU A 33 11.33 9.86 5.46
N PHE A 34 12.32 9.95 4.58
CA PHE A 34 13.05 11.20 4.33
C PHE A 34 12.58 11.82 3.02
N ASP A 35 12.36 13.13 3.03
CA ASP A 35 12.11 13.88 1.80
C ASP A 35 12.44 15.35 1.99
N ILE A 36 12.78 16.03 0.90
CA ILE A 36 13.04 17.48 0.93
C ILE A 36 11.76 18.29 0.79
N ALA A 37 10.70 17.67 0.27
CA ALA A 37 9.41 18.34 0.12
C ALA A 37 8.73 18.49 1.47
N GLU A 38 8.42 19.73 1.84
CA GLU A 38 7.82 20.04 3.14
C GLU A 38 6.50 19.31 3.31
N GLY A 39 6.32 18.69 4.48
CA GLY A 39 5.04 18.09 4.85
C GLY A 39 4.78 16.68 4.34
N ILE A 40 5.33 16.34 3.18
CA ILE A 40 4.96 15.08 2.51
C ILE A 40 5.30 13.84 3.36
N PRO A 41 6.57 13.66 3.75
CA PRO A 41 6.88 12.46 4.55
C PRO A 41 6.19 12.47 5.92
N GLN A 42 6.06 13.65 6.52
CA GLN A 42 5.40 13.78 7.82
C GLN A 42 3.94 13.33 7.75
N GLY A 43 3.21 13.77 6.72
CA GLY A 43 1.82 13.39 6.55
C GLY A 43 1.62 11.90 6.26
N LYS A 44 2.48 11.36 5.40
CA LYS A 44 2.44 9.93 5.08
C LYS A 44 2.80 9.09 6.31
N ALA A 45 3.82 9.52 7.06
CA ALA A 45 4.23 8.80 8.26
C ALA A 45 3.13 8.77 9.33
N LEU A 46 2.44 9.88 9.51
CA LEU A 46 1.33 9.97 10.47
C LEU A 46 0.17 9.08 10.06
N ASP A 47 -0.18 9.14 8.78
CA ASP A 47 -1.24 8.31 8.20
C ASP A 47 -0.89 6.83 8.38
N ILE A 48 0.33 6.44 8.03
CA ILE A 48 0.77 5.04 8.14
C ILE A 48 0.83 4.62 9.62
N THR A 49 1.27 5.52 10.49
CA THR A 49 1.27 5.25 11.93
C THR A 49 -0.11 4.83 12.43
N HIS A 50 -1.15 5.52 11.98
CA HIS A 50 -2.53 5.19 12.37
C HIS A 50 -2.96 3.77 11.95
N SER A 51 -2.40 3.28 10.84
CA SER A 51 -2.73 1.94 10.35
C SER A 51 -2.02 0.84 11.14
N MET A 52 -0.97 1.18 11.87
CA MET A 52 -0.14 0.17 12.53
C MET A 52 -0.94 -0.69 13.51
N VAL A 53 -1.74 -0.05 14.35
CA VAL A 53 -2.61 -0.78 15.28
C VAL A 53 -3.61 -1.70 14.57
N MET A 54 -4.04 -1.31 13.37
CA MET A 54 -4.96 -2.14 12.59
C MET A 54 -4.29 -3.43 12.10
N PHE A 55 -3.00 -3.33 11.77
CA PHE A 55 -2.18 -4.48 11.34
C PHE A 55 -1.56 -5.26 12.49
N GLY A 56 -1.71 -4.77 13.72
CA GLY A 56 -1.09 -5.40 14.88
C GLY A 56 0.42 -5.26 14.91
N SER A 57 0.93 -4.21 14.27
CA SER A 57 2.38 -3.95 14.23
C SER A 57 2.74 -2.84 15.21
N THR A 58 3.91 -2.97 15.84
CA THR A 58 4.45 -1.93 16.72
C THR A 58 5.57 -1.16 16.03
N SER A 59 5.72 -1.35 14.72
CA SER A 59 6.67 -0.56 13.95
C SER A 59 6.40 0.93 14.11
N LYS A 60 7.47 1.69 14.28
CA LYS A 60 7.42 3.13 14.37
C LYS A 60 7.76 3.69 13.00
N VAL A 61 6.96 4.64 12.51
CA VAL A 61 7.18 5.27 11.21
C VAL A 61 7.16 6.79 11.36
N ILE A 62 8.28 7.44 11.05
CA ILE A 62 8.37 8.91 11.14
C ILE A 62 8.78 9.53 9.80
N GLY A 63 8.38 10.78 9.62
CA GLY A 63 8.76 11.58 8.46
C GLY A 63 9.75 12.65 8.87
N THR A 64 10.73 12.92 8.01
CA THR A 64 11.79 13.87 8.32
C THR A 64 12.36 14.53 7.06
N ASN A 65 13.03 15.65 7.27
CA ASN A 65 13.83 16.30 6.23
C ASN A 65 15.29 16.42 6.64
N ASP A 66 15.66 15.66 7.68
CA ASP A 66 16.95 15.80 8.33
C ASP A 66 17.73 14.48 8.25
N TYR A 67 18.85 14.49 7.55
CA TYR A 67 19.67 13.28 7.41
C TYR A 67 20.14 12.70 8.74
N ALA A 68 20.21 13.53 9.78
CA ALA A 68 20.58 13.06 11.11
C ALA A 68 19.67 11.92 11.57
N ASP A 69 18.40 11.96 11.18
CA ASP A 69 17.41 10.97 11.59
C ASP A 69 17.60 9.58 10.95
N ILE A 70 18.41 9.47 9.91
CA ILE A 70 18.72 8.15 9.32
C ILE A 70 19.96 7.48 9.94
N SER A 71 20.53 8.10 10.98
CA SER A 71 21.69 7.50 11.65
C SER A 71 21.34 6.15 12.27
N GLY A 72 22.25 5.20 12.16
CA GLY A 72 22.03 3.85 12.66
C GLY A 72 21.09 3.00 11.81
N SER A 73 20.76 3.48 10.61
CA SER A 73 19.89 2.73 9.71
C SER A 73 20.60 1.45 9.25
N ASP A 74 19.87 0.34 9.33
CA ASP A 74 20.39 -0.94 8.86
C ASP A 74 20.31 -1.02 7.35
N VAL A 75 19.21 -0.52 6.79
CA VAL A 75 18.99 -0.52 5.35
C VAL A 75 18.59 0.86 4.90
N VAL A 76 19.15 1.30 3.77
CA VAL A 76 18.77 2.55 3.15
C VAL A 76 18.22 2.24 1.77
N ILE A 77 16.97 2.65 1.52
CA ILE A 77 16.34 2.46 0.23
C ILE A 77 16.17 3.83 -0.44
N ILE A 78 16.80 4.01 -1.60
CA ILE A 78 16.82 5.30 -2.30
C ILE A 78 15.80 5.35 -3.43
N THR A 79 14.73 6.12 -3.24
CA THR A 79 13.71 6.32 -4.27
C THR A 79 13.73 7.75 -4.85
N ALA A 80 14.62 8.58 -4.33
CA ALA A 80 14.64 10.02 -4.64
C ALA A 80 14.85 10.27 -6.13
N SER A 81 14.03 11.14 -6.71
CA SER A 81 14.05 11.39 -8.14
C SER A 81 13.44 12.75 -8.50
N ILE A 82 13.88 13.29 -9.64
CA ILE A 82 13.26 14.49 -10.23
C ILE A 82 11.85 14.16 -10.70
N PRO A 83 10.97 15.17 -10.78
CA PRO A 83 9.57 14.87 -11.07
C PRO A 83 9.29 14.51 -12.52
N GLY A 84 8.14 13.87 -12.76
CA GLY A 84 7.69 13.55 -14.10
C GLY A 84 8.15 12.18 -14.55
N ARG A 85 7.24 11.43 -15.19
CA ARG A 85 7.59 10.13 -15.76
C ARG A 85 8.48 10.29 -16.99
N PRO A 86 9.32 9.30 -17.27
CA PRO A 86 10.04 9.27 -18.54
C PRO A 86 9.08 9.16 -19.70
N LYS A 87 9.40 9.80 -20.82
CA LYS A 87 8.55 9.75 -22.00
C LYS A 87 8.80 8.45 -22.77
N ASP A 88 10.06 8.21 -23.13
CA ASP A 88 10.43 7.03 -23.94
C ASP A 88 11.43 6.10 -23.25
N ASP A 89 12.37 6.67 -22.48
CA ASP A 89 13.46 5.90 -21.90
C ASP A 89 13.77 6.36 -20.48
N ARG A 90 14.04 5.41 -19.59
CA ARG A 90 14.37 5.70 -18.19
C ARG A 90 15.58 6.62 -18.04
N SER A 91 16.49 6.58 -19.02
CA SER A 91 17.72 7.37 -18.95
C SER A 91 17.51 8.87 -19.15
N GLU A 92 16.31 9.29 -19.55
CA GLU A 92 15.97 10.72 -19.60
C GLU A 92 16.15 11.40 -18.24
N LEU A 93 16.03 10.64 -17.15
CA LEU A 93 16.22 11.16 -15.80
C LEU A 93 17.68 11.16 -15.32
N LEU A 94 18.60 10.77 -16.21
CA LEU A 94 20.00 10.52 -15.85
C LEU A 94 20.69 11.69 -15.14
N PHE A 95 20.65 12.87 -15.76
CA PHE A 95 21.44 14.00 -15.28
C PHE A 95 20.92 14.51 -13.94
N GLY A 96 19.60 14.66 -13.83
CA GLY A 96 18.97 15.14 -12.61
C GLY A 96 19.17 14.20 -11.43
N ASN A 97 18.97 12.90 -11.65
CA ASN A 97 19.02 11.94 -10.56
C ASN A 97 20.44 11.60 -10.11
N ALA A 98 21.41 11.72 -11.01
CA ALA A 98 22.80 11.60 -10.62
C ALA A 98 23.17 12.65 -9.57
N ARG A 99 22.68 13.88 -9.76
CA ARG A 99 22.96 14.98 -8.83
C ARG A 99 22.25 14.78 -7.49
N ILE A 100 21.02 14.25 -7.53
CA ILE A 100 20.32 13.90 -6.31
C ILE A 100 21.13 12.87 -5.51
N LEU A 101 21.58 11.82 -6.19
CA LEU A 101 22.34 10.76 -5.51
C LEU A 101 23.67 11.21 -4.94
N ASP A 102 24.27 12.25 -5.52
CA ASP A 102 25.44 12.90 -4.92
C ASP A 102 25.10 13.37 -3.52
N SER A 103 23.96 14.05 -3.39
CA SER A 103 23.49 14.54 -2.09
C SER A 103 23.16 13.40 -1.14
N VAL A 104 22.48 12.38 -1.64
CA VAL A 104 22.10 11.23 -0.82
C VAL A 104 23.34 10.50 -0.31
N ALA A 105 24.35 10.37 -1.17
CA ALA A 105 25.61 9.72 -0.81
C ALA A 105 26.30 10.41 0.37
N GLU A 106 26.27 11.73 0.40
CA GLU A 106 26.87 12.48 1.51
C GLU A 106 26.12 12.21 2.82
N GLY A 107 24.79 12.20 2.76
CA GLY A 107 23.98 11.92 3.94
C GLY A 107 24.23 10.54 4.51
N VAL A 108 24.30 9.54 3.62
CA VAL A 108 24.52 8.15 4.04
C VAL A 108 25.93 7.97 4.58
N LYS A 109 26.92 8.49 3.85
CA LYS A 109 28.32 8.37 4.25
C LYS A 109 28.59 8.94 5.65
N LYS A 110 27.88 10.01 5.98
CA LYS A 110 28.06 10.68 7.27
C LYS A 110 27.30 9.98 8.39
N TYR A 111 26.05 9.59 8.13
CA TYR A 111 25.16 9.14 9.21
C TYR A 111 24.96 7.63 9.34
N CYS A 112 25.07 6.89 8.24
CA CYS A 112 24.95 5.42 8.30
C CYS A 112 25.80 4.74 7.21
N PRO A 113 27.13 4.85 7.33
CA PRO A 113 28.03 4.26 6.32
C PRO A 113 28.07 2.73 6.31
N ASN A 114 27.55 2.07 7.35
CA ASN A 114 27.52 0.60 7.40
C ASN A 114 26.18 0.01 6.95
N ALA A 115 25.31 0.84 6.37
CA ALA A 115 24.01 0.39 5.91
C ALA A 115 24.10 -0.40 4.60
N PHE A 116 23.15 -1.31 4.42
CA PHE A 116 22.93 -1.98 3.15
C PHE A 116 22.08 -1.04 2.30
N VAL A 117 22.62 -0.58 1.17
CA VAL A 117 21.92 0.39 0.33
C VAL A 117 21.26 -0.30 -0.87
N ILE A 118 19.96 -0.11 -1.00
CA ILE A 118 19.20 -0.58 -2.16
C ILE A 118 18.72 0.61 -2.97
N CYS A 119 19.32 0.82 -4.14
CA CYS A 119 18.92 1.89 -5.04
C CYS A 119 17.72 1.48 -5.89
N ILE A 120 16.77 2.40 -6.03
CA ILE A 120 15.60 2.21 -6.92
C ILE A 120 15.58 3.26 -8.03
N THR A 121 15.99 4.48 -7.68
CA THR A 121 16.10 5.61 -8.61
C THR A 121 16.61 5.22 -10.01
N ASN A 122 15.85 5.60 -11.04
CA ASN A 122 16.24 5.36 -12.44
C ASN A 122 17.16 6.46 -12.98
N PRO A 123 17.98 6.15 -14.01
CA PRO A 123 18.18 4.85 -14.67
C PRO A 123 18.99 3.91 -13.78
N LEU A 124 18.34 2.85 -13.32
CA LEU A 124 18.77 2.05 -12.18
C LEU A 124 20.26 1.66 -12.15
N ASP A 125 20.71 0.93 -13.17
CA ASP A 125 22.06 0.34 -13.14
C ASP A 125 23.16 1.40 -13.10
N VAL A 126 22.96 2.49 -13.83
CA VAL A 126 23.92 3.61 -13.83
C VAL A 126 23.89 4.37 -12.49
N MET A 127 22.69 4.56 -11.93
CA MET A 127 22.54 5.22 -10.64
C MET A 127 23.22 4.46 -9.51
N VAL A 128 23.08 3.13 -9.51
CA VAL A 128 23.72 2.28 -8.50
C VAL A 128 25.24 2.42 -8.56
N SER A 129 25.78 2.34 -9.78
CA SER A 129 27.23 2.51 -10.00
C SER A 129 27.70 3.89 -9.55
N HIS A 130 26.93 4.91 -9.93
CA HIS A 130 27.21 6.28 -9.53
C HIS A 130 27.20 6.43 -8.00
N PHE A 131 26.16 5.90 -7.36
CA PHE A 131 26.06 5.99 -5.91
C PHE A 131 27.24 5.34 -5.21
N GLN A 132 27.67 4.18 -5.70
CA GLN A 132 28.77 3.45 -5.09
C GLN A 132 30.08 4.22 -5.19
N LYS A 133 30.34 4.80 -6.37
CA LYS A 133 31.56 5.57 -6.59
C LYS A 133 31.62 6.80 -5.67
N VAL A 134 30.52 7.55 -5.63
CA VAL A 134 30.48 8.80 -4.87
C VAL A 134 30.43 8.55 -3.36
N SER A 135 29.68 7.54 -2.93
CA SER A 135 29.52 7.24 -1.51
C SER A 135 30.76 6.58 -0.91
N GLY A 136 31.45 5.76 -1.70
CA GLY A 136 32.62 5.02 -1.22
C GLY A 136 32.28 3.79 -0.41
N LEU A 137 31.01 3.39 -0.39
CA LEU A 137 30.59 2.19 0.34
C LEU A 137 31.03 0.94 -0.40
N PRO A 138 31.29 -0.17 0.33
CA PRO A 138 31.72 -1.42 -0.30
C PRO A 138 30.74 -1.89 -1.39
N HIS A 139 31.27 -2.49 -2.45
CA HIS A 139 30.45 -2.95 -3.57
C HIS A 139 29.32 -3.88 -3.11
N ASN A 140 29.63 -4.77 -2.17
CA ASN A 140 28.67 -5.77 -1.69
C ASN A 140 27.56 -5.20 -0.80
N LYS A 141 27.70 -3.94 -0.37
CA LYS A 141 26.70 -3.28 0.46
C LYS A 141 25.85 -2.27 -0.34
N VAL A 142 26.08 -2.20 -1.64
CA VAL A 142 25.31 -1.31 -2.52
C VAL A 142 24.80 -2.10 -3.73
N CYS A 143 23.49 -2.09 -3.94
CA CYS A 143 22.89 -2.78 -5.08
C CYS A 143 21.65 -2.03 -5.56
N GLY A 144 21.06 -2.49 -6.66
CA GLY A 144 19.87 -1.86 -7.22
C GLY A 144 18.72 -2.82 -7.35
N MET A 145 17.53 -2.38 -6.96
CA MET A 145 16.31 -3.15 -7.20
C MET A 145 15.92 -2.99 -8.67
N ALA A 146 15.82 -4.12 -9.37
CA ALA A 146 15.30 -4.12 -10.74
C ALA A 146 14.88 -5.52 -11.17
N GLY A 147 15.80 -6.47 -11.03
CA GLY A 147 15.57 -7.86 -11.43
C GLY A 147 14.35 -8.51 -10.81
N VAL A 148 14.10 -8.23 -9.53
CA VAL A 148 12.91 -8.77 -8.85
C VAL A 148 11.65 -8.27 -9.54
N LEU A 149 11.62 -6.98 -9.89
CA LEU A 149 10.48 -6.42 -10.61
C LEU A 149 10.36 -7.02 -12.01
N ASP A 150 11.45 -7.01 -12.76
CA ASP A 150 11.45 -7.53 -14.13
C ASP A 150 11.12 -9.04 -14.15
N SER A 151 11.73 -9.80 -13.24
CA SER A 151 11.48 -11.24 -13.17
C SER A 151 10.07 -11.57 -12.68
N SER A 152 9.55 -10.77 -11.76
CA SER A 152 8.17 -10.97 -11.29
C SER A 152 7.17 -10.74 -12.42
N ARG A 153 7.43 -9.75 -13.25
CA ARG A 153 6.61 -9.51 -14.44
C ARG A 153 6.70 -10.69 -15.41
N PHE A 154 7.94 -11.14 -15.65
CA PHE A 154 8.22 -12.27 -16.54
C PHE A 154 7.49 -13.53 -16.04
N ARG A 155 7.67 -13.83 -14.76
CA ARG A 155 7.00 -14.97 -14.11
C ARG A 155 5.48 -14.86 -14.16
N THR A 156 4.97 -13.66 -13.92
CA THR A 156 3.52 -13.42 -13.93
C THR A 156 2.92 -13.71 -15.31
N PHE A 157 3.57 -13.22 -16.36
CA PHE A 157 3.05 -13.39 -17.71
C PHE A 157 3.07 -14.86 -18.14
N ILE A 158 4.13 -15.58 -17.76
CA ILE A 158 4.21 -17.02 -18.02
C ILE A 158 3.11 -17.73 -17.26
N ALA A 159 2.97 -17.38 -15.98
CA ALA A 159 1.95 -17.96 -15.11
C ALA A 159 0.55 -17.70 -15.64
N GLN A 160 0.32 -16.51 -16.19
CA GLN A 160 -0.99 -16.15 -16.75
C GLN A 160 -1.33 -16.98 -18.00
N HIS A 161 -0.31 -17.36 -18.77
CA HIS A 161 -0.53 -18.22 -19.93
C HIS A 161 -0.97 -19.61 -19.51
N PHE A 162 -0.18 -20.25 -18.66
CA PHE A 162 -0.43 -21.63 -18.22
C PHE A 162 -1.56 -21.75 -17.19
N GLY A 163 -2.04 -20.64 -16.66
CA GLY A 163 -3.13 -20.67 -15.67
C GLY A 163 -2.70 -21.31 -14.36
N VAL A 164 -1.48 -21.02 -13.92
CA VAL A 164 -0.92 -21.58 -12.69
C VAL A 164 -0.39 -20.49 -11.74
N ASN A 165 -0.20 -20.86 -10.49
CA ASN A 165 0.41 -20.00 -9.48
C ASN A 165 1.81 -19.54 -9.89
N ALA A 166 1.99 -18.22 -9.99
CA ALA A 166 3.26 -17.64 -10.42
C ALA A 166 4.44 -18.02 -9.53
N SER A 167 4.17 -18.30 -8.26
CA SER A 167 5.23 -18.77 -7.35
C SER A 167 5.87 -20.08 -7.81
N ASP A 168 5.15 -20.86 -8.61
CA ASP A 168 5.65 -22.12 -9.16
C ASP A 168 6.37 -21.96 -10.50
N VAL A 169 6.33 -20.75 -11.08
CA VAL A 169 7.16 -20.44 -12.24
C VAL A 169 8.51 -19.93 -11.76
N SER A 170 9.58 -20.56 -12.25
CA SER A 170 10.95 -20.07 -12.04
C SER A 170 11.40 -19.41 -13.34
N ALA A 171 11.85 -18.16 -13.25
CA ALA A 171 12.23 -17.41 -14.43
C ALA A 171 13.04 -16.18 -14.02
N ASN A 172 14.10 -15.88 -14.76
CA ASN A 172 15.00 -14.77 -14.46
C ASN A 172 15.09 -13.76 -15.60
N VAL A 173 15.17 -12.49 -15.23
CA VAL A 173 15.55 -11.43 -16.14
C VAL A 173 16.91 -10.93 -15.67
N ILE A 174 17.84 -10.77 -16.61
CA ILE A 174 19.19 -10.33 -16.28
C ILE A 174 19.62 -9.17 -17.18
N GLY A 175 20.75 -8.57 -16.86
CA GLY A 175 21.26 -7.41 -17.60
C GLY A 175 20.72 -6.11 -17.05
N GLY A 176 20.80 -5.05 -17.84
CA GLY A 176 20.36 -3.73 -17.41
C GLY A 176 18.86 -3.56 -17.38
N HIS A 177 18.38 -2.72 -16.46
CA HIS A 177 16.96 -2.43 -16.32
C HIS A 177 16.55 -1.41 -17.38
N GLY A 178 16.37 -1.89 -18.61
CA GLY A 178 16.02 -1.06 -19.75
C GLY A 178 15.51 -1.90 -20.90
N ASP A 179 15.47 -1.33 -22.10
CA ASP A 179 15.01 -2.06 -23.27
C ASP A 179 15.85 -3.32 -23.53
N GLY A 180 17.13 -3.25 -23.22
CA GLY A 180 18.05 -4.36 -23.43
C GLY A 180 18.03 -5.47 -22.38
N MET A 181 17.12 -5.39 -21.40
CA MET A 181 17.04 -6.43 -20.37
C MET A 181 16.79 -7.79 -21.03
N VAL A 182 17.34 -8.84 -20.44
CA VAL A 182 17.28 -10.18 -21.03
C VAL A 182 16.47 -11.15 -20.18
N PRO A 183 15.19 -11.37 -20.53
CA PRO A 183 14.46 -12.47 -19.92
C PRO A 183 14.96 -13.80 -20.49
N ALA A 184 15.66 -14.57 -19.66
CA ALA A 184 16.33 -15.80 -20.10
C ALA A 184 15.35 -16.97 -20.25
N THR A 185 14.72 -17.08 -21.41
CA THR A 185 13.74 -18.15 -21.63
C THR A 185 14.33 -19.55 -21.49
N SER A 186 15.64 -19.69 -21.74
CA SER A 186 16.29 -20.99 -21.72
C SER A 186 16.16 -21.70 -20.38
N SER A 187 16.17 -20.93 -19.29
CA SER A 187 16.15 -21.49 -17.95
C SER A 187 14.80 -21.29 -17.23
N VAL A 188 13.74 -21.05 -18.00
CA VAL A 188 12.40 -20.97 -17.43
C VAL A 188 11.88 -22.38 -17.14
N SER A 189 11.22 -22.55 -16.00
CA SER A 189 10.49 -23.79 -15.71
C SER A 189 9.18 -23.52 -14.97
N VAL A 190 8.21 -24.41 -15.18
CA VAL A 190 6.93 -24.35 -14.48
C VAL A 190 6.71 -25.69 -13.79
N GLY A 191 6.91 -25.70 -12.47
CA GLY A 191 6.85 -26.93 -11.69
C GLY A 191 7.93 -27.93 -12.03
N GLY A 192 9.07 -27.44 -12.53
CA GLY A 192 10.17 -28.29 -12.97
C GLY A 192 10.18 -28.59 -14.46
N VAL A 193 9.11 -28.24 -15.17
CA VAL A 193 8.99 -28.51 -16.60
C VAL A 193 9.51 -27.32 -17.43
N PRO A 194 10.48 -27.56 -18.33
CA PRO A 194 11.00 -26.47 -19.17
C PRO A 194 10.06 -26.09 -20.32
N LEU A 195 10.27 -24.91 -20.88
CA LEU A 195 9.41 -24.41 -21.97
C LEU A 195 9.49 -25.27 -23.21
N SER A 196 10.66 -25.85 -23.47
CA SER A 196 10.85 -26.77 -24.62
C SER A 196 9.85 -27.93 -24.58
N SER A 197 9.55 -28.43 -23.38
CA SER A 197 8.58 -29.52 -23.23
C SER A 197 7.17 -29.05 -23.52
N PHE A 198 6.79 -27.89 -22.99
CA PHE A 198 5.47 -27.32 -23.23
C PHE A 198 5.22 -27.04 -24.72
N ILE A 199 6.29 -26.72 -25.45
CA ILE A 199 6.20 -26.54 -26.91
C ILE A 199 5.88 -27.88 -27.58
N LYS A 200 6.64 -28.93 -27.23
CA LYS A 200 6.40 -30.29 -27.76
C LYS A 200 4.99 -30.77 -27.42
N GLN A 201 4.52 -30.45 -26.22
CA GLN A 201 3.19 -30.87 -25.76
C GLN A 201 2.06 -30.03 -26.36
N GLY A 202 2.41 -28.94 -27.02
CA GLY A 202 1.41 -28.10 -27.69
C GLY A 202 0.70 -27.13 -26.77
N LEU A 203 1.28 -26.87 -25.61
CA LEU A 203 0.64 -26.01 -24.60
C LEU A 203 1.09 -24.55 -24.67
N ILE A 204 2.23 -24.31 -25.31
CA ILE A 204 2.69 -22.95 -25.60
C ILE A 204 3.49 -22.93 -26.91
N THR A 205 3.41 -21.84 -27.67
CA THR A 205 4.18 -21.70 -28.90
C THR A 205 5.36 -20.75 -28.69
N GLN A 206 6.37 -20.87 -29.55
CA GLN A 206 7.53 -19.99 -29.50
C GLN A 206 7.12 -18.53 -29.69
N GLU A 207 6.13 -18.28 -30.55
CA GLU A 207 5.62 -16.93 -30.74
C GLU A 207 5.00 -16.37 -29.45
N GLN A 208 4.26 -17.20 -28.74
CA GLN A 208 3.71 -16.82 -27.44
C GLN A 208 4.83 -16.53 -26.43
N ILE A 209 5.91 -17.31 -26.48
CA ILE A 209 7.08 -17.06 -25.64
C ILE A 209 7.73 -15.73 -26.02
N ASP A 210 7.82 -15.46 -27.32
CA ASP A 210 8.40 -14.21 -27.81
C ASP A 210 7.58 -12.99 -27.38
N GLU A 211 6.25 -13.12 -27.39
CA GLU A 211 5.36 -12.06 -26.92
C GLU A 211 5.55 -11.78 -25.42
N ILE A 212 5.72 -12.86 -24.64
CA ILE A 212 5.96 -12.75 -23.21
C ILE A 212 7.28 -12.03 -22.94
N VAL A 213 8.31 -12.34 -23.73
CA VAL A 213 9.60 -11.67 -23.63
C VAL A 213 9.46 -10.17 -23.93
N CYS A 214 8.77 -9.85 -25.01
CA CYS A 214 8.51 -8.46 -25.40
C CYS A 214 7.71 -7.72 -24.33
N HIS A 215 6.62 -8.34 -23.87
CA HIS A 215 5.75 -7.79 -22.82
C HIS A 215 6.57 -7.44 -21.58
N THR A 216 7.47 -8.34 -21.19
CA THR A 216 8.36 -8.13 -20.06
C THR A 216 9.25 -6.90 -20.27
N ARG A 217 9.81 -6.78 -21.47
CA ARG A 217 10.75 -5.70 -21.78
C ARG A 217 10.10 -4.30 -21.79
N ILE A 218 8.85 -4.22 -22.22
CA ILE A 218 8.15 -2.93 -22.30
C ILE A 218 6.98 -2.81 -21.31
N ALA A 219 6.98 -3.66 -20.28
CA ALA A 219 5.92 -3.65 -19.26
C ALA A 219 5.76 -2.29 -18.59
N TRP A 220 6.87 -1.58 -18.39
CA TRP A 220 6.82 -0.28 -17.68
C TRP A 220 5.91 0.72 -18.39
N LYS A 221 5.94 0.72 -19.73
CA LYS A 221 5.13 1.65 -20.52
C LYS A 221 3.64 1.31 -20.43
N GLU A 222 3.33 0.02 -20.36
CA GLU A 222 1.94 -0.41 -20.22
C GLU A 222 1.30 0.11 -18.94
N VAL A 223 2.03 0.00 -17.84
CA VAL A 223 1.55 0.53 -16.56
C VAL A 223 1.51 2.06 -16.62
N ALA A 224 2.63 2.67 -17.02
CA ALA A 224 2.77 4.13 -17.01
C ALA A 224 1.74 4.84 -17.89
N ASP A 225 1.44 4.26 -19.06
CA ASP A 225 0.43 4.84 -19.97
C ASP A 225 -0.98 4.82 -19.39
N ASN A 226 -1.25 3.85 -18.53
CA ASN A 226 -2.55 3.75 -17.86
C ASN A 226 -2.66 4.66 -16.64
N LEU A 227 -1.58 4.75 -15.85
CA LEU A 227 -1.56 5.63 -14.67
C LEU A 227 -1.52 7.11 -15.06
N LYS A 228 -0.83 7.41 -16.17
CA LYS A 228 -0.70 8.77 -16.72
C LYS A 228 0.19 9.71 -15.91
N THR A 229 -0.07 9.82 -14.61
CA THR A 229 0.64 10.77 -13.74
C THR A 229 2.01 10.25 -13.24
N GLY A 230 2.36 9.01 -13.57
CA GLY A 230 3.65 8.47 -13.20
C GLY A 230 3.89 7.03 -13.64
N THR A 231 4.97 6.44 -13.13
CA THR A 231 5.35 5.06 -13.43
C THR A 231 4.93 4.13 -12.29
N ALA A 232 5.12 2.83 -12.50
CA ALA A 232 4.74 1.80 -11.52
C ALA A 232 5.32 2.04 -10.14
N TYR A 233 4.56 1.70 -9.10
CA TYR A 233 5.04 1.91 -7.73
C TYR A 233 4.60 0.89 -6.69
N PHE A 234 3.50 0.18 -6.91
CA PHE A 234 3.11 -0.91 -6.00
C PHE A 234 4.10 -2.08 -5.99
N ALA A 235 4.45 -2.59 -7.18
CA ALA A 235 5.37 -3.72 -7.29
C ALA A 235 6.83 -3.35 -6.99
N PRO A 236 7.31 -2.19 -7.50
CA PRO A 236 8.66 -1.77 -7.13
C PRO A 236 8.88 -1.67 -5.62
N ALA A 237 7.88 -1.15 -4.91
CA ALA A 237 7.94 -1.08 -3.45
C ALA A 237 8.01 -2.48 -2.83
N ALA A 238 7.12 -3.36 -3.26
CA ALA A 238 7.11 -4.74 -2.79
C ALA A 238 8.45 -5.42 -3.03
N ALA A 239 9.04 -5.18 -4.20
CA ALA A 239 10.34 -5.75 -4.56
C ALA A 239 11.47 -5.27 -3.64
N ALA A 240 11.47 -3.98 -3.33
CA ALA A 240 12.46 -3.40 -2.42
C ALA A 240 12.38 -4.03 -1.04
N VAL A 241 11.16 -4.28 -0.58
CA VAL A 241 10.93 -4.88 0.73
C VAL A 241 11.46 -6.31 0.76
N LYS A 242 11.22 -7.08 -0.30
CA LYS A 242 11.76 -8.45 -0.38
C LYS A 242 13.27 -8.44 -0.26
N MET A 243 13.92 -7.47 -0.91
CA MET A 243 15.37 -7.33 -0.83
C MET A 243 15.83 -6.94 0.57
N ALA A 244 15.11 -6.02 1.21
CA ALA A 244 15.39 -5.63 2.58
C ALA A 244 15.21 -6.80 3.55
N GLU A 245 14.15 -7.60 3.35
CA GLU A 245 13.93 -8.82 4.14
C GLU A 245 15.12 -9.76 4.08
N ALA A 246 15.64 -9.98 2.87
CA ALA A 246 16.75 -10.92 2.65
C ALA A 246 17.97 -10.53 3.47
N TYR A 247 18.25 -9.23 3.54
CA TYR A 247 19.38 -8.72 4.32
C TYR A 247 19.10 -8.80 5.82
N LEU A 248 17.96 -8.24 6.25
CA LEU A 248 17.64 -8.15 7.67
C LEU A 248 17.43 -9.51 8.33
N LYS A 249 16.93 -10.49 7.58
CA LYS A 249 16.71 -11.83 8.12
C LYS A 249 17.80 -12.83 7.72
N ASP A 250 18.80 -12.37 6.97
CA ASP A 250 19.93 -13.21 6.55
C ASP A 250 19.42 -14.47 5.84
N LYS A 251 18.57 -14.27 4.83
CA LYS A 251 17.90 -15.39 4.17
C LYS A 251 18.79 -16.26 3.28
N LYS A 252 19.92 -15.71 2.83
CA LYS A 252 20.66 -16.30 1.70
C LYS A 252 19.67 -16.51 0.54
N ALA A 253 18.87 -15.49 0.26
CA ALA A 253 17.85 -15.57 -0.78
C ALA A 253 18.49 -15.33 -2.14
N VAL A 254 18.03 -16.07 -3.14
CA VAL A 254 18.48 -15.89 -4.51
C VAL A 254 17.67 -14.73 -5.08
N VAL A 255 18.35 -13.60 -5.29
CA VAL A 255 17.68 -12.38 -5.71
C VAL A 255 18.31 -11.80 -6.97
N PRO A 256 17.56 -11.75 -8.08
CA PRO A 256 18.07 -11.01 -9.22
C PRO A 256 18.07 -9.52 -8.90
N CYS A 257 19.23 -8.89 -8.96
CA CYS A 257 19.35 -7.45 -8.73
C CYS A 257 20.61 -6.90 -9.41
N SER A 258 20.70 -5.57 -9.48
CA SER A 258 21.87 -4.92 -10.02
C SER A 258 23.00 -4.94 -8.99
N ALA A 259 24.01 -5.76 -9.26
CA ALA A 259 25.13 -5.94 -8.33
C ALA A 259 26.45 -5.87 -9.08
N PHE A 260 27.52 -5.59 -8.35
CA PHE A 260 28.85 -5.47 -8.94
C PHE A 260 29.38 -6.84 -9.34
N CYS A 261 29.35 -7.12 -10.65
CA CYS A 261 29.72 -8.42 -11.19
C CYS A 261 31.08 -8.33 -11.88
N SER A 262 32.07 -9.06 -11.36
CA SER A 262 33.45 -8.96 -11.87
C SER A 262 34.14 -10.28 -12.23
N ASN A 263 33.49 -11.42 -12.00
CA ASN A 263 34.06 -12.72 -12.38
C ASN A 263 33.03 -13.69 -12.96
N HIS A 264 31.98 -13.15 -13.56
CA HIS A 264 30.90 -13.96 -14.11
C HIS A 264 30.36 -13.26 -15.35
N TYR A 265 29.70 -14.03 -16.21
CA TYR A 265 29.05 -13.49 -17.42
C TYR A 265 29.98 -12.72 -18.37
N GLY A 266 31.29 -12.99 -18.29
CA GLY A 266 32.27 -12.34 -19.17
C GLY A 266 32.48 -10.85 -18.94
N VAL A 267 32.21 -10.36 -17.74
CA VAL A 267 32.46 -8.95 -17.39
C VAL A 267 33.48 -8.85 -16.26
N LYS A 268 34.16 -7.70 -16.19
CA LYS A 268 35.28 -7.52 -15.27
C LYS A 268 35.12 -6.28 -14.37
N GLY A 269 33.92 -6.08 -13.85
CA GLY A 269 33.67 -5.01 -12.88
C GLY A 269 32.61 -4.03 -13.34
N ILE A 270 31.35 -4.47 -13.31
CA ILE A 270 30.23 -3.64 -13.74
C ILE A 270 28.97 -3.98 -12.94
N TYR A 271 28.16 -2.96 -12.67
CA TYR A 271 26.86 -3.16 -12.04
C TYR A 271 25.83 -3.52 -13.11
N MET A 272 25.22 -4.69 -12.97
CA MET A 272 24.15 -5.10 -13.88
C MET A 272 23.29 -6.18 -13.23
N GLY A 273 22.09 -6.37 -13.76
CA GLY A 273 21.17 -7.38 -13.25
C GLY A 273 21.72 -8.79 -13.35
N VAL A 274 21.91 -9.42 -12.19
CA VAL A 274 22.35 -10.81 -12.12
C VAL A 274 21.70 -11.51 -10.93
N PRO A 275 21.58 -12.86 -10.97
CA PRO A 275 21.13 -13.60 -9.79
C PRO A 275 22.17 -13.59 -8.67
N THR A 276 21.80 -13.01 -7.53
CA THR A 276 22.70 -12.90 -6.37
C THR A 276 22.19 -13.74 -5.21
N ILE A 277 23.06 -13.98 -4.24
CA ILE A 277 22.65 -14.44 -2.92
C ILE A 277 22.78 -13.25 -1.98
N ILE A 278 21.66 -12.88 -1.33
CA ILE A 278 21.66 -11.79 -0.35
C ILE A 278 21.46 -12.31 1.08
N GLY A 279 22.31 -11.84 1.98
CA GLY A 279 22.20 -12.16 3.40
C GLY A 279 22.70 -11.00 4.24
N LYS A 280 23.09 -11.30 5.48
CA LYS A 280 23.51 -10.27 6.44
C LYS A 280 24.79 -9.51 6.06
N ASN A 281 25.56 -10.04 5.12
CA ASN A 281 26.72 -9.34 4.56
C ASN A 281 26.42 -8.68 3.22
N GLY A 282 25.13 -8.48 2.92
CA GLY A 282 24.70 -7.86 1.67
C GLY A 282 24.74 -8.85 0.52
N VAL A 283 25.32 -8.43 -0.60
CA VAL A 283 25.48 -9.31 -1.75
C VAL A 283 26.65 -10.25 -1.46
N GLU A 284 26.35 -11.52 -1.24
CA GLU A 284 27.35 -12.48 -0.77
C GLU A 284 27.89 -13.38 -1.88
N ASP A 285 27.15 -13.48 -3.00
CA ASP A 285 27.60 -14.27 -4.14
C ASP A 285 26.78 -13.93 -5.38
N ILE A 286 27.30 -14.29 -6.54
CA ILE A 286 26.57 -14.20 -7.80
C ILE A 286 26.55 -15.59 -8.45
N LEU A 287 25.38 -15.98 -8.94
CA LEU A 287 25.21 -17.28 -9.60
C LEU A 287 25.23 -17.13 -11.12
N GLU A 288 25.71 -18.17 -11.80
CA GLU A 288 25.84 -18.15 -13.25
C GLU A 288 24.79 -19.01 -13.94
N LEU A 289 23.86 -18.36 -14.62
CA LEU A 289 22.83 -19.05 -15.39
C LEU A 289 23.42 -19.73 -16.62
N ASP A 290 22.74 -20.78 -17.07
CA ASP A 290 23.11 -21.47 -18.29
C ASP A 290 22.53 -20.72 -19.47
N LEU A 291 23.33 -19.84 -20.07
CA LEU A 291 22.88 -19.00 -21.18
C LEU A 291 23.19 -19.62 -22.54
N THR A 292 22.24 -19.52 -23.46
CA THR A 292 22.45 -19.95 -24.83
C THR A 292 23.33 -18.92 -25.54
N PRO A 293 23.92 -19.30 -26.69
CA PRO A 293 24.67 -18.33 -27.49
C PRO A 293 23.86 -17.06 -27.81
N LEU A 294 22.60 -17.22 -28.21
CA LEU A 294 21.74 -16.07 -28.50
C LEU A 294 21.56 -15.18 -27.27
N GLU A 295 21.36 -15.80 -26.11
CA GLU A 295 21.15 -15.06 -24.86
C GLU A 295 22.43 -14.34 -24.42
N GLN A 296 23.58 -14.99 -24.64
CA GLN A 296 24.88 -14.38 -24.35
C GLN A 296 25.11 -13.12 -25.18
N LYS A 297 24.64 -13.14 -26.43
CA LYS A 297 24.73 -11.99 -27.33
C LYS A 297 23.80 -10.87 -26.86
N LEU A 298 22.55 -11.22 -26.54
CA LEU A 298 21.60 -10.25 -26.01
C LEU A 298 22.13 -9.60 -24.73
N LEU A 299 22.73 -10.41 -23.85
CA LEU A 299 23.35 -9.88 -22.63
C LEU A 299 24.50 -8.93 -22.97
N GLY A 300 25.27 -9.26 -24.01
CA GLY A 300 26.33 -8.38 -24.50
C GLY A 300 25.79 -7.04 -24.96
N GLU A 301 24.67 -7.08 -25.69
CA GLU A 301 24.01 -5.86 -26.15
C GLU A 301 23.47 -5.03 -24.98
N SER A 302 23.04 -5.70 -23.91
CA SER A 302 22.57 -5.03 -22.70
C SER A 302 23.71 -4.32 -21.99
N ILE A 303 24.83 -5.02 -21.87
CA ILE A 303 26.04 -4.47 -21.26
C ILE A 303 26.49 -3.20 -22.00
N ASN A 304 26.39 -3.22 -23.32
CA ASN A 304 26.75 -2.07 -24.16
C ASN A 304 25.87 -0.86 -23.84
N GLU A 305 24.56 -1.08 -23.69
CA GLU A 305 23.63 -0.01 -23.30
C GLU A 305 24.05 0.62 -21.98
N VAL A 306 24.35 -0.21 -20.99
CA VAL A 306 24.75 0.26 -19.66
C VAL A 306 26.04 1.10 -19.74
N ASN A 307 27.03 0.60 -20.48
CA ASN A 307 28.28 1.33 -20.69
C ASN A 307 28.07 2.65 -21.44
N THR A 308 27.17 2.65 -22.41
CA THR A 308 26.89 3.84 -23.20
C THR A 308 26.30 4.97 -22.34
N ILE A 309 25.30 4.64 -21.54
CA ILE A 309 24.67 5.62 -20.65
C ILE A 309 25.65 6.06 -19.56
N SER A 310 26.47 5.12 -19.11
CA SER A 310 27.51 5.41 -18.12
C SER A 310 28.55 6.41 -18.64
N LYS A 311 28.93 6.29 -19.91
CA LYS A 311 29.87 7.24 -20.54
C LYS A 311 29.23 8.62 -20.69
N VAL A 312 27.97 8.65 -21.13
CA VAL A 312 27.21 9.91 -21.22
C VAL A 312 27.23 10.65 -19.88
N LEU A 313 27.02 9.92 -18.79
CA LEU A 313 27.05 10.51 -17.46
C LEU A 313 28.43 11.04 -17.10
N ASP A 314 29.48 10.29 -17.45
CA ASP A 314 30.86 10.72 -17.19
C ASP A 314 31.23 12.00 -17.93
N ASN A 315 30.49 12.32 -18.99
CA ASN A 315 30.65 13.58 -19.72
C ASN A 315 29.42 14.48 -19.55
N ALA A 316 28.96 14.61 -18.31
CA ALA A 316 27.78 15.41 -18.00
C ALA A 316 28.10 16.91 -18.00
N PRO A 317 27.07 17.78 -18.15
CA PRO A 317 27.26 19.23 -18.09
C PRO A 317 27.97 19.70 -16.82
N MET B 1 -19.20 -26.35 -3.22
CA MET B 1 -18.18 -25.80 -4.16
C MET B 1 -17.39 -24.67 -3.50
N ILE B 2 -16.07 -24.79 -3.55
CA ILE B 2 -15.20 -23.69 -3.16
C ILE B 2 -15.11 -22.70 -4.32
N GLU B 3 -15.39 -21.44 -4.03
CA GLU B 3 -15.14 -20.34 -4.95
C GLU B 3 -14.24 -19.34 -4.26
N ARG B 4 -13.46 -18.60 -5.05
CA ARG B 4 -12.61 -17.53 -4.51
C ARG B 4 -13.50 -16.44 -3.94
N ARG B 5 -13.03 -15.80 -2.87
CA ARG B 5 -13.71 -14.62 -2.34
C ARG B 5 -13.47 -13.46 -3.32
N LYS B 6 -14.44 -12.56 -3.42
CA LYS B 6 -14.39 -11.47 -4.38
C LYS B 6 -14.78 -10.14 -3.74
N ILE B 7 -13.88 -9.16 -3.84
CA ILE B 7 -14.11 -7.83 -3.30
C ILE B 7 -14.08 -6.83 -4.43
N ALA B 8 -15.16 -6.05 -4.56
CA ALA B 8 -15.22 -4.97 -5.54
C ALA B 8 -14.91 -3.65 -4.86
N VAL B 9 -13.94 -2.93 -5.42
CA VAL B 9 -13.58 -1.60 -4.93
C VAL B 9 -14.07 -0.58 -5.94
N ILE B 10 -15.11 0.16 -5.57
CA ILE B 10 -15.74 1.16 -6.44
C ILE B 10 -15.07 2.51 -6.20
N GLY B 11 -14.25 2.93 -7.16
CA GLY B 11 -13.44 4.13 -7.01
C GLY B 11 -12.01 3.72 -6.74
N SER B 12 -11.14 3.98 -7.72
CA SER B 12 -9.76 3.48 -7.67
C SER B 12 -8.76 4.61 -7.48
N GLY B 13 -9.09 5.56 -6.61
CA GLY B 13 -8.18 6.63 -6.26
C GLY B 13 -7.21 6.22 -5.18
N GLN B 14 -6.88 7.15 -4.29
CA GLN B 14 -5.87 6.97 -3.27
C GLN B 14 -6.18 5.78 -2.36
N ILE B 15 -7.41 5.73 -1.86
CA ILE B 15 -7.82 4.70 -0.91
C ILE B 15 -8.10 3.38 -1.63
N GLY B 16 -8.81 3.45 -2.75
CA GLY B 16 -9.18 2.27 -3.51
C GLY B 16 -8.00 1.41 -3.91
N GLY B 17 -6.94 2.04 -4.40
CA GLY B 17 -5.74 1.33 -4.83
C GLY B 17 -5.02 0.65 -3.67
N ASN B 18 -4.97 1.33 -2.53
CA ASN B 18 -4.37 0.76 -1.33
C ASN B 18 -5.15 -0.44 -0.81
N ILE B 19 -6.48 -0.37 -0.89
CA ILE B 19 -7.30 -1.51 -0.50
C ILE B 19 -6.95 -2.71 -1.37
N ALA B 20 -6.87 -2.50 -2.69
CA ALA B 20 -6.53 -3.57 -3.63
C ALA B 20 -5.16 -4.17 -3.30
N TYR B 21 -4.20 -3.31 -3.02
CA TYR B 21 -2.84 -3.72 -2.66
C TYR B 21 -2.82 -4.67 -1.47
N ILE B 22 -3.53 -4.30 -0.41
CA ILE B 22 -3.52 -5.04 0.85
C ILE B 22 -4.33 -6.33 0.76
N VAL B 23 -5.52 -6.25 0.16
CA VAL B 23 -6.35 -7.43 -0.04
C VAL B 23 -5.56 -8.50 -0.79
N GLY B 24 -4.90 -8.10 -1.88
CA GLY B 24 -4.05 -9.00 -2.66
C GLY B 24 -2.86 -9.52 -1.87
N LYS B 25 -2.16 -8.62 -1.19
CA LYS B 25 -1.03 -9.02 -0.34
C LYS B 25 -1.43 -10.11 0.65
N ASP B 26 -2.57 -9.92 1.32
CA ASP B 26 -3.06 -10.88 2.31
C ASP B 26 -3.74 -12.11 1.67
N ASN B 27 -3.95 -12.08 0.36
CA ASN B 27 -4.72 -13.13 -0.33
C ASN B 27 -6.09 -13.34 0.31
N LEU B 28 -6.72 -12.24 0.69
CA LEU B 28 -8.03 -12.27 1.32
C LEU B 28 -9.11 -12.57 0.28
N ALA B 29 -8.93 -12.05 -0.94
CA ALA B 29 -9.89 -12.24 -2.02
C ALA B 29 -9.30 -11.82 -3.35
N ASP B 30 -10.03 -12.11 -4.42
CA ASP B 30 -9.80 -11.46 -5.72
C ASP B 30 -10.37 -10.05 -5.65
N VAL B 31 -9.84 -9.17 -6.47
CA VAL B 31 -10.19 -7.75 -6.44
C VAL B 31 -10.60 -7.26 -7.81
N VAL B 32 -11.72 -6.54 -7.86
CA VAL B 32 -12.13 -5.81 -9.05
C VAL B 32 -12.05 -4.32 -8.73
N LEU B 33 -11.12 -3.62 -9.38
CA LEU B 33 -10.99 -2.17 -9.24
C LEU B 33 -11.83 -1.46 -10.29
N PHE B 34 -12.89 -0.81 -9.85
CA PHE B 34 -13.80 -0.09 -10.74
C PHE B 34 -13.55 1.42 -10.67
N ASP B 35 -13.55 2.08 -11.81
CA ASP B 35 -13.50 3.54 -11.88
C ASP B 35 -14.02 4.03 -13.23
N ILE B 36 -14.54 5.26 -13.26
CA ILE B 36 -14.95 5.89 -14.52
C ILE B 36 -13.77 6.52 -15.23
N ALA B 37 -12.75 6.92 -14.47
CA ALA B 37 -11.56 7.54 -15.04
C ALA B 37 -10.77 6.52 -15.85
N GLU B 38 -10.48 6.87 -17.11
CA GLU B 38 -9.83 5.94 -18.04
C GLU B 38 -8.40 5.65 -17.63
N GLY B 39 -8.01 4.38 -17.72
CA GLY B 39 -6.62 3.97 -17.46
C GLY B 39 -6.29 3.67 -16.01
N ILE B 40 -6.79 4.50 -15.09
CA ILE B 40 -6.34 4.48 -13.69
C ILE B 40 -6.49 3.10 -13.03
N PRO B 41 -7.70 2.52 -13.04
CA PRO B 41 -7.88 1.22 -12.39
C PRO B 41 -7.15 0.07 -13.10
N GLN B 42 -7.01 0.17 -14.42
CA GLN B 42 -6.30 -0.84 -15.21
C GLN B 42 -4.82 -0.79 -14.88
N GLY B 43 -4.28 0.43 -14.81
CA GLY B 43 -2.86 0.63 -14.49
C GLY B 43 -2.47 0.16 -13.10
N LYS B 44 -3.29 0.49 -12.11
CA LYS B 44 -3.04 0.06 -10.74
C LYS B 44 -3.20 -1.45 -10.60
N ALA B 45 -4.23 -2.01 -11.22
CA ALA B 45 -4.45 -3.46 -11.21
C ALA B 45 -3.28 -4.22 -11.82
N LEU B 46 -2.73 -3.72 -12.91
CA LEU B 46 -1.58 -4.36 -13.56
C LEU B 46 -0.35 -4.30 -12.66
N ASP B 47 -0.12 -3.12 -12.10
CA ASP B 47 1.00 -2.89 -11.18
C ASP B 47 0.90 -3.79 -9.94
N ILE B 48 -0.28 -3.81 -9.34
CA ILE B 48 -0.52 -4.64 -8.16
C ILE B 48 -0.44 -6.13 -8.51
N THR B 49 -0.88 -6.49 -9.71
CA THR B 49 -0.79 -7.87 -10.18
C THR B 49 0.68 -8.35 -10.16
N HIS B 50 1.59 -7.50 -10.61
CA HIS B 50 3.02 -7.85 -10.61
C HIS B 50 3.59 -8.11 -9.22
N SER B 51 3.03 -7.46 -8.20
CA SER B 51 3.48 -7.65 -6.82
C SER B 51 2.98 -8.94 -6.19
N MET B 52 1.92 -9.52 -6.73
CA MET B 52 1.30 -10.70 -6.11
C MET B 52 2.28 -11.85 -5.92
N VAL B 53 3.09 -12.13 -6.94
CA VAL B 53 4.09 -13.21 -6.83
C VAL B 53 5.18 -12.87 -5.81
N MET B 54 5.48 -11.58 -5.67
CA MET B 54 6.41 -11.14 -4.64
C MET B 54 5.87 -11.45 -3.25
N PHE B 55 4.55 -11.27 -3.06
CA PHE B 55 3.92 -11.52 -1.76
C PHE B 55 3.56 -13.00 -1.58
N GLY B 56 3.72 -13.81 -2.62
CA GLY B 56 3.33 -15.23 -2.56
C GLY B 56 1.82 -15.38 -2.50
N SER B 57 1.10 -14.50 -3.19
CA SER B 57 -0.36 -14.52 -3.23
C SER B 57 -0.83 -14.86 -4.64
N THR B 58 -1.95 -15.60 -4.72
CA THR B 58 -2.57 -15.93 -6.00
C THR B 58 -3.82 -15.08 -6.27
N SER B 59 -4.04 -14.05 -5.45
CA SER B 59 -5.15 -13.14 -5.68
C SER B 59 -5.08 -12.56 -7.09
N LYS B 60 -6.22 -12.58 -7.78
CA LYS B 60 -6.34 -11.94 -9.08
C LYS B 60 -6.84 -10.51 -8.85
N VAL B 61 -6.20 -9.54 -9.49
CA VAL B 61 -6.59 -8.13 -9.39
C VAL B 61 -6.77 -7.55 -10.79
N ILE B 62 -7.98 -7.13 -11.12
CA ILE B 62 -8.28 -6.55 -12.43
C ILE B 62 -8.84 -5.14 -12.29
N GLY B 63 -8.72 -4.35 -13.36
CA GLY B 63 -9.29 -3.02 -13.43
C GLY B 63 -10.39 -2.96 -14.46
N THR B 64 -11.42 -2.15 -14.21
CA THR B 64 -12.55 -2.07 -15.13
C THR B 64 -13.35 -0.77 -14.98
N ASN B 65 -14.20 -0.50 -15.97
CA ASN B 65 -15.20 0.57 -15.89
C ASN B 65 -16.60 0.04 -16.19
N ASP B 66 -16.78 -1.26 -16.03
CA ASP B 66 -18.01 -1.96 -16.37
C ASP B 66 -18.57 -2.66 -15.13
N TYR B 67 -19.73 -2.21 -14.67
CA TYR B 67 -20.36 -2.77 -13.47
C TYR B 67 -20.67 -4.26 -13.56
N ALA B 68 -20.76 -4.80 -14.78
CA ALA B 68 -20.96 -6.23 -14.97
C ALA B 68 -19.81 -7.07 -14.40
N ASP B 69 -18.63 -6.45 -14.27
CA ASP B 69 -17.47 -7.13 -13.72
C ASP B 69 -17.47 -7.26 -12.19
N ILE B 70 -18.39 -6.56 -11.51
CA ILE B 70 -18.51 -6.71 -10.05
C ILE B 70 -19.58 -7.72 -9.63
N SER B 71 -20.09 -8.49 -10.59
CA SER B 71 -21.11 -9.49 -10.28
C SER B 71 -20.51 -10.64 -9.47
N GLY B 72 -21.31 -11.19 -8.56
CA GLY B 72 -20.83 -12.23 -7.65
C GLY B 72 -19.86 -11.73 -6.59
N SER B 73 -19.79 -10.42 -6.38
CA SER B 73 -18.89 -9.85 -5.38
C SER B 73 -19.45 -10.09 -3.99
N ASP B 74 -18.63 -10.68 -3.12
CA ASP B 74 -19.04 -10.95 -1.73
C ASP B 74 -19.06 -9.65 -0.93
N VAL B 75 -18.13 -8.74 -1.24
CA VAL B 75 -18.03 -7.45 -0.58
C VAL B 75 -17.84 -6.37 -1.62
N VAL B 76 -18.43 -5.21 -1.36
CA VAL B 76 -18.26 -4.03 -2.20
C VAL B 76 -17.83 -2.91 -1.29
N ILE B 77 -16.73 -2.24 -1.63
CA ILE B 77 -16.21 -1.13 -0.86
C ILE B 77 -16.24 0.12 -1.73
N ILE B 78 -16.96 1.15 -1.28
CA ILE B 78 -17.20 2.34 -2.08
C ILE B 78 -16.32 3.51 -1.64
N THR B 79 -15.36 3.87 -2.49
CA THR B 79 -14.52 5.05 -2.27
C THR B 79 -14.81 6.16 -3.28
N ALA B 80 -15.69 5.91 -4.23
CA ALA B 80 -15.98 6.84 -5.32
C ALA B 80 -16.39 8.21 -4.78
N SER B 81 -15.76 9.26 -5.28
CA SER B 81 -16.03 10.63 -4.83
C SER B 81 -15.56 11.67 -5.85
N ILE B 82 -16.19 12.85 -5.80
CA ILE B 82 -15.74 14.01 -6.59
C ILE B 82 -14.40 14.48 -6.04
N PRO B 83 -13.57 15.10 -6.90
CA PRO B 83 -12.21 15.46 -6.49
C PRO B 83 -12.13 16.60 -5.46
N GLY B 84 -10.93 16.83 -4.94
CA GLY B 84 -10.68 17.90 -3.97
C GLY B 84 -10.91 17.47 -2.53
N ARG B 85 -10.00 17.86 -1.64
CA ARG B 85 -10.12 17.55 -0.21
C ARG B 85 -11.14 18.45 0.49
N PRO B 86 -11.66 18.03 1.64
CA PRO B 86 -12.51 18.89 2.45
C PRO B 86 -11.75 20.07 3.06
N LYS B 87 -12.39 21.23 3.13
CA LYS B 87 -11.78 22.44 3.70
C LYS B 87 -11.75 22.38 5.23
N ASP B 88 -12.91 22.58 5.84
CA ASP B 88 -13.05 22.59 7.31
C ASP B 88 -13.88 21.41 7.82
N ASP B 89 -14.92 21.05 7.07
CA ASP B 89 -15.80 19.92 7.42
C ASP B 89 -15.95 18.98 6.22
N ARG B 90 -16.20 17.71 6.51
CA ARG B 90 -16.34 16.68 5.47
C ARG B 90 -17.64 16.80 4.68
N SER B 91 -18.64 17.49 5.25
CA SER B 91 -19.96 17.61 4.65
C SER B 91 -20.09 18.85 3.75
N GLU B 92 -19.23 18.92 2.74
CA GLU B 92 -19.32 19.93 1.68
C GLU B 92 -19.63 19.28 0.32
N LEU B 93 -19.39 17.97 0.21
CA LEU B 93 -19.47 17.24 -1.04
C LEU B 93 -20.78 16.45 -1.16
N LEU B 94 -21.79 16.89 -0.40
CA LEU B 94 -23.02 16.12 -0.20
C LEU B 94 -23.71 15.72 -1.49
N PHE B 95 -24.00 16.71 -2.34
CA PHE B 95 -24.85 16.49 -3.51
C PHE B 95 -24.13 15.74 -4.63
N GLY B 96 -22.88 16.10 -4.87
CA GLY B 96 -22.07 15.42 -5.89
C GLY B 96 -21.88 13.94 -5.59
N ASN B 97 -21.45 13.63 -4.36
CA ASN B 97 -21.20 12.25 -3.96
C ASN B 97 -22.48 11.42 -3.83
N ALA B 98 -23.58 12.07 -3.44
CA ALA B 98 -24.90 11.41 -3.43
C ALA B 98 -25.29 10.99 -4.85
N ARG B 99 -24.96 11.85 -5.82
CA ARG B 99 -25.21 11.55 -7.22
C ARG B 99 -24.37 10.36 -7.69
N ILE B 100 -23.10 10.33 -7.30
CA ILE B 100 -22.21 9.22 -7.62
C ILE B 100 -22.74 7.90 -7.06
N LEU B 101 -23.14 7.91 -5.79
CA LEU B 101 -23.64 6.71 -5.12
C LEU B 101 -24.95 6.17 -5.68
N ASP B 102 -25.72 7.03 -6.37
CA ASP B 102 -26.91 6.56 -7.10
C ASP B 102 -26.50 5.56 -8.18
N SER B 103 -25.45 5.89 -8.93
CA SER B 103 -24.93 5.00 -9.97
C SER B 103 -24.41 3.69 -9.38
N VAL B 104 -23.65 3.80 -8.29
CA VAL B 104 -23.11 2.61 -7.61
C VAL B 104 -24.25 1.75 -7.10
N ALA B 105 -25.27 2.38 -6.52
CA ALA B 105 -26.45 1.66 -6.01
C ALA B 105 -27.13 0.85 -7.09
N GLU B 106 -27.33 1.46 -8.26
CA GLU B 106 -27.94 0.77 -9.40
C GLU B 106 -27.05 -0.37 -9.90
N GLY B 107 -25.74 -0.14 -9.90
CA GLY B 107 -24.78 -1.16 -10.30
C GLY B 107 -24.81 -2.38 -9.39
N VAL B 108 -24.76 -2.14 -8.09
CA VAL B 108 -24.74 -3.22 -7.09
C VAL B 108 -26.08 -3.96 -7.07
N LYS B 109 -27.18 -3.20 -7.14
CA LYS B 109 -28.53 -3.77 -7.15
C LYS B 109 -28.69 -4.79 -8.28
N LYS B 110 -28.12 -4.48 -9.44
CA LYS B 110 -28.22 -5.36 -10.60
C LYS B 110 -27.29 -6.56 -10.51
N TYR B 111 -26.01 -6.32 -10.24
CA TYR B 111 -24.97 -7.34 -10.42
C TYR B 111 -24.55 -8.11 -9.16
N CYS B 112 -24.67 -7.49 -7.98
CA CYS B 112 -24.33 -8.19 -6.73
C CYS B 112 -25.15 -7.69 -5.54
N PRO B 113 -26.47 -7.99 -5.54
CA PRO B 113 -27.36 -7.49 -4.49
C PRO B 113 -27.23 -8.20 -3.13
N ASN B 114 -26.53 -9.33 -3.10
CA ASN B 114 -26.28 -10.05 -1.83
C ASN B 114 -24.93 -9.68 -1.20
N ALA B 115 -24.31 -8.62 -1.70
CA ALA B 115 -22.98 -8.22 -1.26
C ALA B 115 -23.03 -7.47 0.06
N PHE B 116 -22.00 -7.65 0.87
CA PHE B 116 -21.78 -6.80 2.03
C PHE B 116 -21.17 -5.51 1.53
N VAL B 117 -21.81 -4.39 1.81
CA VAL B 117 -21.38 -3.10 1.30
C VAL B 117 -20.77 -2.26 2.42
N ILE B 118 -19.55 -1.77 2.18
CA ILE B 118 -18.85 -0.91 3.13
C ILE B 118 -18.60 0.44 2.43
N CYS B 119 -19.32 1.46 2.86
CA CYS B 119 -19.17 2.79 2.29
C CYS B 119 -18.03 3.53 2.98
N ILE B 120 -17.22 4.23 2.20
CA ILE B 120 -16.17 5.10 2.74
C ILE B 120 -16.40 6.56 2.33
N THR B 121 -17.00 6.76 1.15
CA THR B 121 -17.30 8.08 0.61
C THR B 121 -17.91 9.05 1.64
N ASN B 122 -17.31 10.24 1.75
CA ASN B 122 -17.84 11.30 2.62
C ASN B 122 -18.97 12.07 1.93
N PRO B 123 -19.89 12.69 2.72
CA PRO B 123 -20.03 12.61 4.18
C PRO B 123 -20.57 11.26 4.62
N LEU B 124 -19.76 10.54 5.40
CA LEU B 124 -19.91 9.10 5.58
C LEU B 124 -21.31 8.64 6.00
N ASP B 125 -21.79 9.15 7.13
CA ASP B 125 -23.02 8.67 7.73
C ASP B 125 -24.25 8.89 6.84
N VAL B 126 -24.27 10.02 6.14
CA VAL B 126 -25.37 10.35 5.24
C VAL B 126 -25.27 9.52 3.95
N MET B 127 -24.06 9.39 3.42
CA MET B 127 -23.83 8.56 2.24
C MET B 127 -24.28 7.12 2.48
N VAL B 128 -23.97 6.57 3.66
CA VAL B 128 -24.37 5.20 4.00
C VAL B 128 -25.89 5.07 4.00
N SER B 129 -26.55 6.01 4.68
CA SER B 129 -28.01 6.03 4.74
C SER B 129 -28.58 6.17 3.33
N HIS B 130 -28.00 7.07 2.54
CA HIS B 130 -28.45 7.28 1.16
C HIS B 130 -28.29 6.03 0.31
N PHE B 131 -27.14 5.35 0.42
CA PHE B 131 -26.89 4.17 -0.39
C PHE B 131 -27.89 3.05 -0.09
N GLN B 132 -28.19 2.85 1.19
CA GLN B 132 -29.12 1.80 1.59
C GLN B 132 -30.52 2.05 1.03
N LYS B 133 -30.97 3.30 1.12
CA LYS B 133 -32.28 3.69 0.60
C LYS B 133 -32.40 3.46 -0.90
N VAL B 134 -31.45 3.99 -1.66
CA VAL B 134 -31.50 3.91 -3.12
C VAL B 134 -31.23 2.49 -3.62
N SER B 135 -30.35 1.76 -2.93
CA SER B 135 -29.99 0.41 -3.34
C SER B 135 -31.05 -0.62 -2.97
N GLY B 136 -31.72 -0.41 -1.84
CA GLY B 136 -32.72 -1.35 -1.33
C GLY B 136 -32.12 -2.59 -0.68
N LEU B 137 -30.81 -2.56 -0.40
CA LEU B 137 -30.16 -3.68 0.29
C LEU B 137 -30.55 -3.70 1.76
N PRO B 138 -30.56 -4.90 2.37
CA PRO B 138 -30.83 -5.02 3.81
C PRO B 138 -29.97 -4.07 4.64
N HIS B 139 -30.54 -3.56 5.73
CA HIS B 139 -29.83 -2.62 6.61
C HIS B 139 -28.55 -3.22 7.18
N ASN B 140 -28.60 -4.51 7.52
CA ASN B 140 -27.46 -5.22 8.10
C ASN B 140 -26.35 -5.57 7.09
N LYS B 141 -26.62 -5.39 5.80
CA LYS B 141 -25.63 -5.65 4.76
C LYS B 141 -25.02 -4.37 4.21
N VAL B 142 -25.29 -3.25 4.88
CA VAL B 142 -24.77 -1.95 4.46
C VAL B 142 -24.29 -1.19 5.70
N CYS B 143 -23.06 -0.73 5.66
CA CYS B 143 -22.49 0.05 6.75
C CYS B 143 -21.42 0.99 6.22
N GLY B 144 -20.88 1.83 7.10
CA GLY B 144 -19.86 2.79 6.72
C GLY B 144 -18.60 2.64 7.56
N MET B 145 -17.45 2.83 6.92
CA MET B 145 -16.18 2.82 7.61
C MET B 145 -15.91 4.22 8.18
N ALA B 146 -15.71 4.28 9.49
CA ALA B 146 -15.37 5.54 10.16
C ALA B 146 -14.78 5.24 11.54
N GLY B 147 -15.57 4.57 12.37
CA GLY B 147 -15.17 4.24 13.73
C GLY B 147 -13.86 3.48 13.86
N VAL B 148 -13.59 2.55 12.96
CA VAL B 148 -12.32 1.80 13.00
C VAL B 148 -11.14 2.76 12.82
N LEU B 149 -11.26 3.69 11.88
CA LEU B 149 -10.22 4.69 11.66
C LEU B 149 -10.07 5.61 12.88
N ASP B 150 -11.20 6.11 13.39
CA ASP B 150 -11.18 7.02 14.54
C ASP B 150 -10.75 6.32 15.82
N SER B 151 -11.29 5.12 16.06
CA SER B 151 -10.88 4.32 17.22
C SER B 151 -9.39 3.98 17.14
N SER B 152 -8.90 3.67 15.93
CA SER B 152 -7.47 3.36 15.75
C SER B 152 -6.58 4.55 16.12
N ARG B 153 -6.98 5.75 15.70
CA ARG B 153 -6.26 6.97 16.09
C ARG B 153 -6.32 7.20 17.59
N PHE B 154 -7.50 7.02 18.16
CA PHE B 154 -7.74 7.19 19.60
C PHE B 154 -6.84 6.23 20.38
N ARG B 155 -6.87 4.95 20.01
CA ARG B 155 -5.99 3.93 20.62
C ARG B 155 -4.51 4.29 20.47
N THR B 156 -4.13 4.76 19.29
CA THR B 156 -2.74 5.11 19.01
C THR B 156 -2.27 6.25 19.91
N PHE B 157 -3.09 7.29 20.06
CA PHE B 157 -2.71 8.45 20.87
C PHE B 157 -2.63 8.12 22.36
N ILE B 158 -3.56 7.31 22.86
CA ILE B 158 -3.51 6.81 24.23
C ILE B 158 -2.22 6.00 24.45
N ALA B 159 -1.92 5.13 23.49
CA ALA B 159 -0.73 4.26 23.56
C ALA B 159 0.57 5.04 23.58
N GLN B 160 0.63 6.11 22.79
CA GLN B 160 1.81 6.98 22.76
C GLN B 160 2.04 7.65 24.12
N HIS B 161 0.96 8.05 24.79
CA HIS B 161 1.07 8.64 26.12
C HIS B 161 1.69 7.66 27.12
N PHE B 162 1.14 6.44 27.18
CA PHE B 162 1.61 5.44 28.14
C PHE B 162 2.84 4.67 27.68
N GLY B 163 3.24 4.82 26.42
CA GLY B 163 4.42 4.14 25.89
C GLY B 163 4.24 2.63 25.78
N VAL B 164 3.06 2.21 25.36
CA VAL B 164 2.73 0.78 25.25
C VAL B 164 2.26 0.44 23.84
N ASN B 165 2.13 -0.85 23.56
CA ASN B 165 1.59 -1.33 22.30
C ASN B 165 0.12 -0.92 22.14
N ALA B 166 -0.18 -0.20 21.07
CA ALA B 166 -1.55 0.27 20.81
C ALA B 166 -2.56 -0.88 20.71
N SER B 167 -2.11 -2.06 20.31
CA SER B 167 -2.97 -3.24 20.26
C SER B 167 -3.51 -3.64 21.63
N ASP B 168 -2.82 -3.24 22.69
CA ASP B 168 -3.23 -3.54 24.05
C ASP B 168 -4.05 -2.40 24.67
N VAL B 169 -4.43 -1.43 23.85
CA VAL B 169 -5.40 -0.41 24.25
C VAL B 169 -6.76 -0.77 23.67
N SER B 170 -7.78 -0.78 24.53
CA SER B 170 -9.16 -0.93 24.10
C SER B 170 -9.82 0.45 24.20
N ALA B 171 -10.38 0.90 23.07
CA ALA B 171 -11.00 2.23 23.02
C ALA B 171 -11.95 2.35 21.85
N ASN B 172 -13.09 3.00 22.08
CA ASN B 172 -14.11 3.17 21.06
C ASN B 172 -14.39 4.63 20.78
N VAL B 173 -14.67 4.92 19.51
CA VAL B 173 -15.20 6.21 19.08
C VAL B 173 -16.54 5.92 18.44
N ILE B 174 -17.58 6.63 18.89
CA ILE B 174 -18.93 6.46 18.37
C ILE B 174 -19.48 7.80 17.89
N GLY B 175 -20.70 7.76 17.32
CA GLY B 175 -21.33 8.96 16.78
C GLY B 175 -20.92 9.18 15.33
N GLY B 176 -21.22 10.37 14.82
CA GLY B 176 -20.95 10.69 13.43
C GLY B 176 -19.48 10.87 13.13
N HIS B 177 -19.07 10.55 11.91
CA HIS B 177 -17.70 10.78 11.48
C HIS B 177 -17.54 12.23 11.09
N GLY B 178 -17.33 13.07 12.11
CA GLY B 178 -17.13 14.50 11.91
C GLY B 178 -16.52 15.12 13.15
N ASP B 179 -16.78 16.40 13.35
CA ASP B 179 -16.32 17.10 14.53
C ASP B 179 -17.06 16.62 15.77
N GLY B 180 -18.29 16.14 15.57
CA GLY B 180 -19.11 15.58 16.65
C GLY B 180 -18.95 14.06 16.83
N MET B 181 -17.76 13.54 16.56
CA MET B 181 -17.45 12.16 16.93
C MET B 181 -17.23 12.12 18.44
N VAL B 182 -17.54 10.99 19.07
CA VAL B 182 -17.42 10.85 20.51
C VAL B 182 -16.44 9.75 20.89
N PRO B 183 -15.18 10.11 21.15
CA PRO B 183 -14.24 9.17 21.76
C PRO B 183 -14.66 8.88 23.20
N ALA B 184 -15.25 7.70 23.41
CA ALA B 184 -15.79 7.32 24.71
C ALA B 184 -14.67 7.03 25.71
N THR B 185 -14.20 8.08 26.39
CA THR B 185 -13.13 7.95 27.38
C THR B 185 -13.48 6.98 28.51
N SER B 186 -14.77 6.86 28.82
CA SER B 186 -15.24 5.92 29.83
C SER B 186 -15.07 4.45 29.41
N SER B 187 -14.92 4.19 28.12
CA SER B 187 -14.72 2.82 27.61
C SER B 187 -13.24 2.45 27.47
N VAL B 188 -12.34 3.39 27.78
CA VAL B 188 -10.91 3.18 27.56
C VAL B 188 -10.31 2.26 28.61
N SER B 189 -9.46 1.33 28.17
CA SER B 189 -8.67 0.52 29.07
C SER B 189 -7.33 0.14 28.43
N VAL B 190 -6.26 0.18 29.23
CA VAL B 190 -4.93 -0.24 28.79
C VAL B 190 -4.55 -1.50 29.56
N GLY B 191 -4.75 -2.66 28.94
CA GLY B 191 -4.48 -3.95 29.57
C GLY B 191 -5.29 -4.17 30.83
N GLY B 192 -6.57 -3.76 30.81
CA GLY B 192 -7.46 -3.92 31.96
C GLY B 192 -7.59 -2.69 32.86
N VAL B 193 -6.63 -1.78 32.78
CA VAL B 193 -6.62 -0.59 33.65
C VAL B 193 -7.38 0.56 32.97
N PRO B 194 -8.34 1.17 33.67
CA PRO B 194 -9.08 2.31 33.10
C PRO B 194 -8.41 3.66 33.36
N LEU B 195 -8.83 4.68 32.63
CA LEU B 195 -8.23 6.02 32.76
C LEU B 195 -8.42 6.62 34.15
N SER B 196 -9.56 6.34 34.78
CA SER B 196 -9.82 6.81 36.16
C SER B 196 -8.73 6.33 37.10
N SER B 197 -8.35 5.06 36.97
CA SER B 197 -7.27 4.49 37.77
C SER B 197 -5.93 5.16 37.48
N PHE B 198 -5.64 5.39 36.20
CA PHE B 198 -4.40 6.06 35.80
C PHE B 198 -4.32 7.50 36.32
N ILE B 199 -5.48 8.16 36.41
CA ILE B 199 -5.55 9.49 37.02
C ILE B 199 -5.19 9.40 38.50
N LYS B 200 -5.86 8.50 39.23
CA LYS B 200 -5.59 8.27 40.66
C LYS B 200 -4.13 7.90 40.91
N GLN B 201 -3.54 7.11 40.02
CA GLN B 201 -2.14 6.70 40.13
C GLN B 201 -1.16 7.79 39.69
N GLY B 202 -1.66 8.86 39.08
CA GLY B 202 -0.83 9.98 38.66
C GLY B 202 0.00 9.70 37.41
N LEU B 203 -0.50 8.81 36.55
CA LEU B 203 0.18 8.47 35.29
C LEU B 203 -0.44 9.17 34.09
N ILE B 204 -1.56 9.86 34.31
CA ILE B 204 -2.16 10.70 33.30
C ILE B 204 -3.05 11.75 33.97
N THR B 205 -3.07 12.96 33.42
CA THR B 205 -3.92 14.04 33.94
C THR B 205 -5.19 14.15 33.10
N GLN B 206 -6.19 14.84 33.62
CA GLN B 206 -7.43 15.04 32.89
C GLN B 206 -7.21 15.93 31.65
N GLU B 207 -6.30 16.88 31.77
CA GLU B 207 -5.95 17.77 30.66
C GLU B 207 -5.34 17.00 29.50
N GLN B 208 -4.54 15.98 29.80
CA GLN B 208 -3.92 15.13 28.78
C GLN B 208 -4.96 14.28 28.05
N ILE B 209 -5.94 13.79 28.80
CA ILE B 209 -7.05 13.04 28.20
C ILE B 209 -7.85 13.94 27.25
N ASP B 210 -8.10 15.17 27.69
CA ASP B 210 -8.80 16.16 26.86
C ASP B 210 -8.05 16.42 25.56
N GLU B 211 -6.73 16.54 25.65
CA GLU B 211 -5.88 16.74 24.47
C GLU B 211 -5.97 15.54 23.51
N ILE B 212 -5.94 14.33 24.06
CA ILE B 212 -6.05 13.10 23.28
C ILE B 212 -7.41 13.02 22.57
N VAL B 213 -8.48 13.35 23.30
CA VAL B 213 -9.82 13.41 22.74
C VAL B 213 -9.86 14.41 21.58
N CYS B 214 -9.28 15.59 21.80
CA CYS B 214 -9.23 16.64 20.77
C CYS B 214 -8.42 16.21 19.56
N HIS B 215 -7.21 15.70 19.80
CA HIS B 215 -6.33 15.18 18.75
C HIS B 215 -7.08 14.22 17.82
N THR B 216 -7.84 13.30 18.42
CA THR B 216 -8.62 12.31 17.69
C THR B 216 -9.59 12.95 16.71
N ARG B 217 -10.32 13.97 17.18
CA ARG B 217 -11.33 14.64 16.36
C ARG B 217 -10.75 15.44 15.20
N ILE B 218 -9.56 16.00 15.39
CA ILE B 218 -8.91 16.86 14.38
C ILE B 218 -7.75 16.17 13.65
N ALA B 219 -7.50 14.89 13.96
CA ALA B 219 -6.38 14.15 13.38
C ALA B 219 -6.37 14.17 11.86
N TRP B 220 -7.55 14.11 11.24
CA TRP B 220 -7.66 14.12 9.78
C TRP B 220 -7.04 15.37 9.16
N LYS B 221 -7.16 16.50 9.84
CA LYS B 221 -6.60 17.78 9.36
C LYS B 221 -5.09 17.78 9.42
N GLU B 222 -4.53 17.24 10.50
CA GLU B 222 -3.07 17.16 10.65
C GLU B 222 -2.44 16.40 9.49
N VAL B 223 -3.08 15.31 9.06
CA VAL B 223 -2.60 14.52 7.92
C VAL B 223 -2.78 15.30 6.63
N ALA B 224 -3.99 15.80 6.39
CA ALA B 224 -4.31 16.55 5.17
C ALA B 224 -3.41 17.78 4.97
N ASP B 225 -3.17 18.53 6.04
CA ASP B 225 -2.31 19.72 5.97
C ASP B 225 -0.89 19.36 5.52
N ASN B 226 -0.44 18.16 5.88
CA ASN B 226 0.91 17.71 5.52
C ASN B 226 0.98 17.07 4.13
N LEU B 227 -0.03 16.29 3.76
CA LEU B 227 -0.10 15.69 2.42
C LEU B 227 -0.31 16.78 1.36
N LYS B 228 -1.19 17.74 1.66
CA LYS B 228 -1.45 18.92 0.82
C LYS B 228 -2.21 18.61 -0.49
N THR B 229 -1.97 17.43 -1.06
CA THR B 229 -2.65 17.01 -2.29
C THR B 229 -3.93 16.20 -2.05
N GLY B 230 -4.23 15.88 -0.79
CA GLY B 230 -5.46 15.15 -0.46
C GLY B 230 -5.61 14.80 1.01
N THR B 231 -6.58 13.94 1.32
CA THR B 231 -6.80 13.47 2.68
C THR B 231 -6.11 12.12 2.95
N ALA B 232 -6.14 11.67 4.21
CA ALA B 232 -5.53 10.39 4.60
C ALA B 232 -6.06 9.24 3.75
N TYR B 233 -5.21 8.24 3.49
CA TYR B 233 -5.61 7.14 2.63
C TYR B 233 -4.99 5.76 2.94
N PHE B 234 -3.83 5.75 3.60
CA PHE B 234 -3.21 4.49 4.05
C PHE B 234 -4.03 3.83 5.16
N ALA B 235 -4.37 4.59 6.19
CA ALA B 235 -5.13 4.06 7.33
C ALA B 235 -6.60 3.79 7.01
N PRO B 236 -7.27 4.70 6.27
CA PRO B 236 -8.65 4.41 5.85
C PRO B 236 -8.77 3.12 5.02
N ALA B 237 -7.80 2.86 4.17
CA ALA B 237 -7.76 1.64 3.37
C ALA B 237 -7.68 0.42 4.28
N ALA B 238 -6.70 0.43 5.19
CA ALA B 238 -6.52 -0.65 6.16
C ALA B 238 -7.78 -0.89 7.01
N ALA B 239 -8.48 0.18 7.38
CA ALA B 239 -9.70 0.05 8.17
C ALA B 239 -10.75 -0.72 7.39
N ALA B 240 -10.94 -0.36 6.13
CA ALA B 240 -11.92 -1.04 5.28
C ALA B 240 -11.61 -2.53 5.13
N VAL B 241 -10.32 -2.85 5.02
CA VAL B 241 -9.91 -4.25 4.90
C VAL B 241 -10.25 -5.02 6.18
N LYS B 242 -9.99 -4.44 7.34
CA LYS B 242 -10.34 -5.09 8.62
C LYS B 242 -11.84 -5.38 8.70
N MET B 243 -12.67 -4.47 8.17
CA MET B 243 -14.11 -4.68 8.14
C MET B 243 -14.49 -5.80 7.17
N ALA B 244 -13.88 -5.79 5.98
CA ALA B 244 -14.05 -6.88 5.02
C ALA B 244 -13.66 -8.23 5.61
N GLU B 245 -12.53 -8.26 6.31
CA GLU B 245 -12.04 -9.47 6.98
C GLU B 245 -13.05 -10.05 7.97
N ALA B 246 -13.62 -9.18 8.79
CA ALA B 246 -14.60 -9.60 9.78
C ALA B 246 -15.77 -10.32 9.12
N TYR B 247 -16.18 -9.82 7.96
CA TYR B 247 -17.30 -10.40 7.21
C TYR B 247 -16.89 -11.73 6.58
N LEU B 248 -15.83 -11.69 5.78
CA LEU B 248 -15.36 -12.86 5.02
C LEU B 248 -14.89 -14.03 5.89
N LYS B 249 -14.29 -13.72 7.04
CA LYS B 249 -13.84 -14.74 7.99
C LYS B 249 -14.89 -15.09 9.05
N ASP B 250 -16.04 -14.41 9.04
CA ASP B 250 -17.11 -14.65 10.02
C ASP B 250 -16.57 -14.55 11.45
N LYS B 251 -15.85 -13.47 11.72
CA LYS B 251 -15.11 -13.33 12.97
C LYS B 251 -15.96 -13.10 14.21
N LYS B 252 -17.18 -12.58 14.04
CA LYS B 252 -17.96 -12.05 15.15
C LYS B 252 -17.10 -11.02 15.91
N ALA B 253 -16.51 -10.11 15.15
CA ALA B 253 -15.58 -9.13 15.67
C ALA B 253 -16.29 -7.83 16.06
N VAL B 254 -15.79 -7.18 17.10
CA VAL B 254 -16.31 -5.88 17.53
C VAL B 254 -15.78 -4.80 16.59
N VAL B 255 -16.67 -4.22 15.80
CA VAL B 255 -16.27 -3.25 14.80
C VAL B 255 -17.08 -1.96 14.96
N PRO B 256 -16.43 -0.89 15.47
CA PRO B 256 -17.11 0.41 15.48
C PRO B 256 -17.27 0.93 14.06
N CYS B 257 -18.52 0.99 13.59
CA CYS B 257 -18.81 1.44 12.23
C CYS B 257 -20.19 2.10 12.16
N SER B 258 -20.46 2.77 11.05
CA SER B 258 -21.74 3.42 10.83
C SER B 258 -22.78 2.38 10.43
N ALA B 259 -23.63 2.00 11.37
CA ALA B 259 -24.59 0.92 11.17
C ALA B 259 -26.00 1.37 11.52
N PHE B 260 -26.99 0.64 11.01
CA PHE B 260 -28.40 0.97 11.25
C PHE B 260 -28.79 0.61 12.69
N CYS B 261 -28.77 1.63 13.54
CA CYS B 261 -29.09 1.47 14.95
C CYS B 261 -30.58 1.68 15.17
N SER B 262 -31.27 0.63 15.61
CA SER B 262 -32.74 0.64 15.70
C SER B 262 -33.29 0.62 17.13
N ASN B 263 -32.58 0.00 18.07
CA ASN B 263 -33.06 -0.14 19.45
C ASN B 263 -31.96 0.03 20.51
N HIS B 264 -30.97 0.87 20.23
CA HIS B 264 -29.89 1.16 21.18
C HIS B 264 -29.58 2.64 21.15
N TYR B 265 -28.95 3.14 22.21
CA TYR B 265 -28.54 4.54 22.31
C TYR B 265 -29.69 5.54 22.11
N GLY B 266 -30.92 5.12 22.41
CA GLY B 266 -32.10 5.98 22.33
C GLY B 266 -32.44 6.48 20.94
N VAL B 267 -32.36 5.60 19.95
CA VAL B 267 -32.78 5.91 18.59
C VAL B 267 -33.61 4.76 18.01
N LYS B 268 -34.48 5.09 17.06
CA LYS B 268 -35.46 4.14 16.52
C LYS B 268 -35.11 3.58 15.14
N GLY B 269 -34.10 4.14 14.49
CA GLY B 269 -33.69 3.69 13.17
C GLY B 269 -32.85 4.72 12.44
N ILE B 270 -31.56 4.76 12.74
CA ILE B 270 -30.64 5.72 12.13
C ILE B 270 -29.24 5.10 11.92
N TYR B 271 -28.57 5.52 10.85
CA TYR B 271 -27.18 5.14 10.61
C TYR B 271 -26.24 6.05 11.37
N MET B 272 -25.48 5.48 12.31
CA MET B 272 -24.50 6.24 13.08
C MET B 272 -23.41 5.32 13.64
N GLY B 273 -22.34 5.95 14.15
CA GLY B 273 -21.20 5.20 14.68
C GLY B 273 -21.52 4.47 15.98
N VAL B 274 -21.50 3.13 15.92
CA VAL B 274 -21.73 2.28 17.09
C VAL B 274 -20.83 1.05 17.05
N PRO B 275 -20.58 0.43 18.22
CA PRO B 275 -19.81 -0.82 18.23
C PRO B 275 -20.68 -1.99 17.80
N THR B 276 -20.42 -2.53 16.61
CA THR B 276 -21.20 -3.64 16.07
C THR B 276 -20.46 -4.97 16.24
N ILE B 277 -21.18 -6.06 16.01
CA ILE B 277 -20.59 -7.37 15.83
C ILE B 277 -20.78 -7.73 14.37
N ILE B 278 -19.66 -7.94 13.66
CA ILE B 278 -19.70 -8.28 12.24
C ILE B 278 -19.28 -9.73 12.01
N GLY B 279 -20.12 -10.45 11.28
CA GLY B 279 -19.81 -11.81 10.86
C GLY B 279 -20.38 -12.06 9.47
N LYS B 280 -20.61 -13.33 9.14
CA LYS B 280 -21.07 -13.73 7.81
C LYS B 280 -22.43 -13.19 7.38
N ASN B 281 -23.23 -12.71 8.35
CA ASN B 281 -24.53 -12.11 8.03
C ASN B 281 -24.48 -10.58 8.09
N GLY B 282 -23.28 -10.01 8.02
CA GLY B 282 -23.08 -8.56 8.03
C GLY B 282 -23.04 -8.04 9.45
N VAL B 283 -23.71 -6.92 9.70
CA VAL B 283 -23.84 -6.38 11.04
C VAL B 283 -24.84 -7.24 11.82
N GLU B 284 -24.34 -8.06 12.73
CA GLU B 284 -25.15 -9.06 13.41
C GLU B 284 -25.65 -8.61 14.79
N ASP B 285 -25.07 -7.56 15.33
CA ASP B 285 -25.45 -7.05 16.64
C ASP B 285 -24.84 -5.68 16.90
N ILE B 286 -25.36 -5.00 17.92
CA ILE B 286 -24.81 -3.71 18.36
C ILE B 286 -24.65 -3.76 19.87
N LEU B 287 -23.49 -3.34 20.37
CA LEU B 287 -23.19 -3.34 21.79
C LEU B 287 -23.54 -1.99 22.40
N GLU B 288 -23.93 -2.00 23.67
CA GLU B 288 -24.30 -0.78 24.40
C GLU B 288 -23.23 -0.42 25.42
N LEU B 289 -22.48 0.64 25.13
CA LEU B 289 -21.45 1.13 26.04
C LEU B 289 -22.07 1.87 27.21
N ASP B 290 -21.36 1.89 28.34
CA ASP B 290 -21.78 2.66 29.52
C ASP B 290 -21.32 4.10 29.40
N LEU B 291 -22.09 4.90 28.66
CA LEU B 291 -21.75 6.31 28.46
C LEU B 291 -22.10 7.15 29.68
N THR B 292 -21.26 8.13 29.98
CA THR B 292 -21.54 9.10 31.03
C THR B 292 -22.60 10.08 30.53
N PRO B 293 -23.25 10.82 31.45
CA PRO B 293 -24.20 11.86 31.04
C PRO B 293 -23.65 12.82 29.98
N LEU B 294 -22.40 13.24 30.14
CA LEU B 294 -21.74 14.12 29.17
C LEU B 294 -21.63 13.46 27.79
N GLU B 295 -21.21 12.19 27.78
CA GLU B 295 -21.04 11.43 26.54
C GLU B 295 -22.39 11.17 25.85
N GLN B 296 -23.42 10.91 26.64
CA GLN B 296 -24.79 10.79 26.13
C GLN B 296 -25.22 12.07 25.41
N LYS B 297 -24.89 13.21 26.01
CA LYS B 297 -25.24 14.52 25.46
C LYS B 297 -24.49 14.79 24.16
N LEU B 298 -23.17 14.57 24.18
CA LEU B 298 -22.34 14.74 22.99
C LEU B 298 -22.82 13.85 21.83
N LEU B 299 -23.23 12.62 22.15
CA LEU B 299 -23.78 11.70 21.14
C LEU B 299 -25.13 12.20 20.62
N GLY B 300 -25.94 12.78 21.51
CA GLY B 300 -27.22 13.37 21.12
C GLY B 300 -27.04 14.48 20.10
N GLU B 301 -26.08 15.35 20.35
CA GLU B 301 -25.72 16.41 19.42
C GLU B 301 -25.23 15.83 18.09
N SER B 302 -24.47 14.74 18.16
CA SER B 302 -23.98 14.04 16.97
C SER B 302 -25.12 13.48 16.13
N ILE B 303 -26.12 12.89 16.79
CA ILE B 303 -27.30 12.33 16.10
C ILE B 303 -28.08 13.41 15.36
N ASN B 304 -28.17 14.61 15.93
CA ASN B 304 -28.87 15.73 15.31
C ASN B 304 -28.17 16.21 14.03
N GLU B 305 -26.84 16.27 14.08
CA GLU B 305 -26.03 16.69 12.93
C GLU B 305 -26.19 15.77 11.73
N VAL B 306 -26.45 14.48 11.99
CA VAL B 306 -26.70 13.50 10.94
C VAL B 306 -28.05 13.78 10.29
N ASN B 307 -29.10 13.83 11.10
CA ASN B 307 -30.47 14.09 10.64
C ASN B 307 -30.61 15.43 9.93
N THR B 308 -29.88 16.44 10.42
CA THR B 308 -29.86 17.76 9.79
C THR B 308 -29.39 17.65 8.35
N ILE B 309 -28.18 17.11 8.16
CA ILE B 309 -27.58 16.98 6.83
C ILE B 309 -28.34 15.94 5.98
N SER B 310 -28.95 14.97 6.64
CA SER B 310 -29.74 13.95 5.94
C SER B 310 -31.01 14.53 5.31
N LYS B 311 -31.69 15.41 6.06
CA LYS B 311 -32.90 16.05 5.56
C LYS B 311 -32.62 17.04 4.42
N VAL B 312 -31.45 17.68 4.46
CA VAL B 312 -31.02 18.56 3.38
C VAL B 312 -30.91 17.79 2.07
N LEU B 313 -30.44 16.55 2.14
CA LEU B 313 -30.31 15.69 0.96
C LEU B 313 -31.65 15.15 0.48
N ASP B 314 -32.59 14.94 1.41
CA ASP B 314 -33.94 14.50 1.06
C ASP B 314 -34.68 15.58 0.25
N ASN B 315 -34.42 16.84 0.58
CA ASN B 315 -35.01 17.98 -0.14
C ASN B 315 -34.17 18.36 -1.37
N ALA B 316 -34.20 17.50 -2.38
CA ALA B 316 -33.50 17.76 -3.64
C ALA B 316 -34.26 18.83 -4.42
N PRO B 317 -33.66 20.04 -4.54
CA PRO B 317 -34.39 21.13 -5.20
C PRO B 317 -34.67 20.86 -6.68
PA NAD C . 7.86 10.20 -7.11
O1A NAD C . 6.48 9.77 -6.68
O2A NAD C . 8.01 11.40 -8.00
O5B NAD C . 8.75 10.37 -5.82
C5B NAD C . 10.08 10.91 -5.87
C4B NAD C . 10.31 11.61 -4.54
O4B NAD C . 11.67 12.01 -4.44
C3B NAD C . 9.47 12.89 -4.39
O3B NAD C . 8.62 12.80 -3.25
C2B NAD C . 10.50 14.00 -4.20
O2B NAD C . 10.11 15.01 -3.27
C1B NAD C . 11.72 13.24 -3.72
N9A NAD C . 12.98 13.96 -3.93
C8A NAD C . 13.32 14.77 -4.96
N7A NAD C . 14.57 15.24 -4.80
C5A NAD C . 15.06 14.76 -3.65
C6A NAD C . 16.32 14.86 -2.90
N6A NAD C . 17.35 15.62 -3.36
N1A NAD C . 16.42 14.16 -1.74
C2A NAD C . 15.41 13.40 -1.27
N3A NAD C . 14.23 13.27 -1.92
C4A NAD C . 14.01 13.91 -3.09
O3 NAD C . 8.66 9.00 -7.85
PN NAD C . 8.32 7.42 -7.69
O1N NAD C . 7.11 7.10 -8.54
O2N NAD C . 8.32 7.02 -6.25
O5D NAD C . 9.64 6.79 -8.37
C5D NAD C . 10.90 7.01 -7.76
C4D NAD C . 12.01 6.58 -8.71
O4D NAD C . 11.98 5.15 -8.86
C3D NAD C . 11.88 7.15 -10.11
O3D NAD C . 13.17 7.58 -10.55
C2D NAD C . 11.38 6.00 -10.96
O2D NAD C . 11.76 6.08 -12.34
C1D NAD C . 12.04 4.83 -10.25
N1N NAD C . 11.47 3.50 -10.48
C2N NAD C . 12.35 2.48 -10.51
C3N NAD C . 11.94 1.18 -10.70
C7N NAD C . 12.94 0.05 -10.74
O7N NAD C . 12.59 -1.03 -11.18
N7N NAD C . 14.19 0.22 -10.29
C4N NAD C . 10.58 0.92 -10.85
C5N NAD C . 9.68 1.98 -10.81
C6N NAD C . 10.15 3.27 -10.62
C 2OP D . 9.51 0.32 -14.33
O 2OP D . 10.19 -0.66 -14.69
CB 2OP D . 10.01 2.55 -15.29
OHN 2OP D . 11.59 1.38 -13.89
CA 2OP D . 10.20 1.63 -14.10
OXT 2OP D . 8.28 0.25 -14.14
C1 GOL E . 15.45 -15.98 -26.52
O1 GOL E . 14.56 -17.09 -26.69
C2 GOL E . 15.10 -15.30 -25.19
O2 GOL E . 15.99 -15.77 -24.18
C3 GOL E . 15.21 -13.79 -25.36
O3 GOL E . 15.50 -13.14 -24.10
C1 GOL F . 20.49 0.58 -19.64
O1 GOL F . 19.51 -0.04 -20.50
C2 GOL F . 19.92 0.74 -18.24
O2 GOL F . 20.18 -0.45 -17.48
C3 GOL F . 20.56 1.94 -17.55
O3 GOL F . 20.47 1.80 -16.12
PA NAD G . -9.72 10.11 -4.67
O1A NAD G . -8.25 9.77 -4.60
O2A NAD G . -10.13 11.39 -5.34
O5B NAD G . -10.49 8.90 -5.39
C5B NAD G . -11.86 8.99 -5.73
C4B NAD G . -12.09 8.16 -6.98
O4B NAD G . -13.49 8.12 -7.30
C3B NAD G . -11.38 8.72 -8.20
O3B NAD G . -10.42 7.78 -8.71
C2B NAD G . -12.48 8.97 -9.22
O2B NAD G . -12.11 8.69 -10.58
C1B NAD G . -13.58 8.06 -8.73
N9A NAD G . -14.93 8.40 -9.22
C8A NAD G . -15.44 9.63 -9.49
N7A NAD G . -16.71 9.52 -9.94
C5A NAD G . -17.03 8.21 -9.97
C6A NAD G . -18.21 7.41 -10.34
N6A NAD G . -19.35 8.00 -10.78
N1A NAD G . -18.12 6.07 -10.22
C2A NAD G . -17.00 5.45 -9.79
N3A NAD G . -15.88 6.13 -9.43
C4A NAD G . -15.85 7.48 -9.49
O3 NAD G . -10.35 10.10 -3.18
PN NAD G . -9.77 9.26 -1.94
O1N NAD G . -8.61 10.01 -1.35
O2N NAD G . -9.58 7.82 -2.35
O5D NAD G . -11.01 9.31 -0.91
C5D NAD G . -12.26 8.74 -1.31
C4D NAD G . -13.39 9.20 -0.40
O4D NAD G . -13.19 8.72 0.94
C3D NAD G . -13.50 10.72 -0.29
O3D NAD G . -14.87 11.10 -0.34
C2D NAD G . -12.93 11.05 1.07
O2D NAD G . -13.48 12.25 1.62
C1D NAD G . -13.34 9.82 1.86
N1N NAD G . -12.61 9.54 3.10
C2N NAD G . -13.32 9.02 4.11
C3N NAD G . -12.74 8.70 5.33
C7N NAD G . -13.56 8.12 6.45
O7N NAD G . -13.13 8.20 7.58
N7N NAD G . -14.74 7.53 6.22
C4N NAD G . -11.39 8.95 5.50
C5N NAD G . -10.66 9.48 4.44
C6N NAD G . -11.30 9.77 3.24
C1 GOL H . -14.60 13.06 27.76
O1 GOL H . -15.76 13.03 28.60
C2 GOL H . -14.87 12.31 26.46
O2 GOL H . -15.64 11.12 26.73
C3 GOL H . -15.65 13.21 25.50
O3 GOL H . -15.87 12.55 24.25
#